data_7F8P
#
_entry.id   7F8P
#
_cell.length_a   60.799
_cell.length_b   94.278
_cell.length_c   75.707
_cell.angle_alpha   90.000
_cell.angle_beta   93.136
_cell.angle_gamma   90.000
#
_symmetry.space_group_name_H-M   'P 1 21 1'
#
loop_
_entity.id
_entity.type
_entity.pdbx_description
1 polymer 'L,D-transpeptidase 2'
2 non-polymer '(2R,3R)-3-methyl-4-(2-oxidanylidene-2-propan-2-yloxy-ethyl)sulfanyl-2-[(2R)-3-oxidanyl-1-oxidanylidene-butan-2-yl]-2,3-dihydro-1H-pyrrole-5-carboxylic acid'
3 non-polymer GLYCEROL
4 non-polymer 'GLUTAMIC ACID'
5 non-polymer '(4R,5S,6S)-6-((R)-1-hydroxyethyl)-3-((2-isopropoxy-2-oxoethyl)thio)-4-methyl-7-oxo-1-azabicyclo[3.2.0]hept-2-ene-2-carboxylic acid'
6 water water
#
_entity_poly.entity_id   1
_entity_poly.type   'polypeptide(L)'
_entity_poly.pdbx_seq_one_letter_code
;GHMAPIKVIADKGTPFADLLVPKLTASVTDGAVGVTVDAPVSVTAADGVLAAVTMVNDNGRPVAGRLSPDGLRWSTTEQL
GYNRRYTLNATALGLGGAATRQLTFQTSSPAHLTMPYVMPGDGEVVGVGEPVAIRFDENIADRGAAEKAIKITTNPPVEG
AFYWLNNREVRWRPEHFWKPGTAVDVAVNTYGVDLGEGMFGEDNVQTHFTIGDEVIATADDNTKILTVRVNGEVVKSMPT
SMGKDSTPTANGIYIVGSRYKHIIMDSSTYGVPVNSPNGYRTDVDWATQISYSGVFVHSAPWSVGAQGHTNTSHGCLNVS
PSNAQWFYDHVKRGDIVEVVNTVGGTLPGIDGLGDWNIPWDQWRAGNAKA
;
_entity_poly.pdbx_strand_id   A,B
#
# COMPACT_ATOMS: atom_id res chain seq x y z
N LEU A 19 -14.13 -20.62 48.22
CA LEU A 19 -13.65 -20.96 46.88
C LEU A 19 -13.44 -19.71 46.04
N LEU A 20 -12.34 -19.67 45.29
CA LEU A 20 -11.98 -18.49 44.53
C LEU A 20 -12.52 -18.56 43.10
N VAL A 21 -12.94 -17.40 42.60
CA VAL A 21 -13.39 -17.27 41.21
C VAL A 21 -12.17 -17.38 40.29
N PRO A 22 -12.27 -18.06 39.14
CA PRO A 22 -11.13 -18.12 38.22
C PRO A 22 -10.72 -16.71 37.78
N LYS A 23 -9.45 -16.58 37.43
CA LYS A 23 -8.87 -15.32 36.98
C LYS A 23 -8.34 -15.48 35.56
N LEU A 24 -8.65 -14.51 34.70
CA LEU A 24 -8.19 -14.46 33.32
C LEU A 24 -7.14 -13.37 33.17
N THR A 25 -6.02 -13.69 32.53
CA THR A 25 -5.01 -12.69 32.22
C THR A 25 -4.59 -12.81 30.76
N ALA A 26 -4.71 -11.74 29.99
CA ALA A 26 -4.27 -11.74 28.60
C ALA A 26 -2.97 -10.98 28.44
N SER A 27 -2.27 -11.26 27.34
CA SER A 27 -1.01 -10.59 27.05
C SER A 27 -1.19 -9.21 26.44
N VAL A 28 -2.43 -8.79 26.19
CA VAL A 28 -2.78 -7.48 25.66
C VAL A 28 -3.82 -6.87 26.58
N THR A 29 -3.93 -5.55 26.52
CA THR A 29 -4.94 -4.84 27.30
C THR A 29 -6.07 -4.39 26.39
N ASP A 30 -7.30 -4.48 26.91
CA ASP A 30 -8.45 -3.96 26.20
C ASP A 30 -8.22 -2.48 25.88
N GLY A 31 -8.48 -2.11 24.63
CA GLY A 31 -8.30 -0.74 24.18
C GLY A 31 -6.89 -0.37 23.75
N ALA A 32 -5.95 -1.31 23.78
CA ALA A 32 -4.58 -0.99 23.40
C ALA A 32 -4.51 -0.69 21.92
N VAL A 33 -3.54 0.14 21.55
CA VAL A 33 -3.21 0.40 20.15
C VAL A 33 -1.70 0.22 19.99
N GLY A 34 -1.26 0.09 18.74
CA GLY A 34 0.15 -0.16 18.51
C GLY A 34 0.68 -1.47 19.03
N VAL A 35 -0.17 -2.48 19.23
CA VAL A 35 0.29 -3.78 19.69
C VAL A 35 1.19 -4.41 18.63
N THR A 36 2.40 -4.81 19.03
CA THR A 36 3.33 -5.33 18.03
C THR A 36 3.03 -6.79 17.72
N VAL A 37 3.33 -7.18 16.48
CA VAL A 37 3.01 -8.50 16.00
C VAL A 37 4.27 -9.35 15.85
N ASP A 38 5.34 -8.98 16.57
CA ASP A 38 6.53 -9.83 16.62
C ASP A 38 6.38 -10.97 17.61
N ALA A 39 5.27 -11.06 18.33
CA ALA A 39 5.05 -12.10 19.32
C ALA A 39 3.60 -12.54 19.28
N PRO A 40 3.32 -13.77 19.71
CA PRO A 40 1.92 -14.23 19.76
C PRO A 40 1.14 -13.51 20.85
N VAL A 41 -0.19 -13.62 20.75
CA VAL A 41 -1.09 -13.18 21.80
C VAL A 41 -1.48 -14.40 22.63
N SER A 42 -1.46 -14.26 23.94
CA SER A 42 -1.75 -15.36 24.84
C SER A 42 -2.75 -14.95 25.91
N VAL A 43 -3.37 -15.97 26.52
CA VAL A 43 -4.29 -15.82 27.65
C VAL A 43 -3.97 -16.96 28.63
N THR A 44 -3.97 -16.66 29.92
CA THR A 44 -3.74 -17.69 30.93
C THR A 44 -4.84 -17.61 31.98
N ALA A 45 -5.15 -18.77 32.55
CA ALA A 45 -6.12 -18.88 33.63
C ALA A 45 -5.41 -19.23 34.93
N ALA A 46 -5.94 -18.70 36.03
CA ALA A 46 -5.54 -19.12 37.37
C ALA A 46 -6.79 -19.47 38.16
N ASP A 47 -6.66 -20.37 39.12
CA ASP A 47 -7.78 -20.84 39.93
C ASP A 47 -8.89 -21.42 39.04
N GLY A 48 -8.48 -22.07 37.96
CA GLY A 48 -9.41 -22.57 36.97
C GLY A 48 -8.66 -22.89 35.70
N VAL A 49 -9.42 -23.21 34.66
CA VAL A 49 -8.86 -23.58 33.38
C VAL A 49 -9.62 -22.81 32.30
N LEU A 50 -8.99 -22.69 31.14
CA LEU A 50 -9.61 -22.01 30.01
C LEU A 50 -10.59 -22.95 29.33
N ALA A 51 -11.86 -22.58 29.31
CA ALA A 51 -12.88 -23.38 28.63
C ALA A 51 -12.98 -23.01 27.16
N ALA A 52 -12.81 -21.73 26.82
CA ALA A 52 -12.94 -21.29 25.45
C ALA A 52 -12.20 -19.99 25.25
N VAL A 53 -11.46 -19.89 24.15
CA VAL A 53 -10.79 -18.67 23.73
C VAL A 53 -10.96 -18.55 22.22
N THR A 54 -11.44 -17.41 21.77
CA THR A 54 -11.47 -17.09 20.34
C THR A 54 -10.91 -15.69 20.13
N MET A 55 -10.20 -15.52 19.02
CA MET A 55 -9.74 -14.20 18.63
C MET A 55 -10.09 -14.01 17.15
N VAL A 56 -10.77 -12.91 16.84
CA VAL A 56 -11.27 -12.71 15.48
C VAL A 56 -10.80 -11.35 14.97
N ASN A 57 -10.57 -11.29 13.67
CA ASN A 57 -10.34 -10.06 12.93
C ASN A 57 -11.60 -9.20 12.96
N ASP A 58 -11.43 -7.93 12.57
CA ASP A 58 -12.57 -7.01 12.53
C ASP A 58 -13.65 -7.49 11.56
N ASN A 59 -13.27 -8.24 10.52
CA ASN A 59 -14.26 -8.81 9.60
C ASN A 59 -14.89 -10.09 10.11
N GLY A 60 -14.40 -10.66 11.21
CA GLY A 60 -15.00 -11.84 11.81
C GLY A 60 -14.24 -13.13 11.60
N ARG A 61 -13.12 -13.10 10.92
CA ARG A 61 -12.36 -14.33 10.67
C ARG A 61 -11.58 -14.74 11.92
N PRO A 62 -11.72 -15.98 12.37
CA PRO A 62 -10.98 -16.42 13.57
C PRO A 62 -9.50 -16.63 13.29
N VAL A 63 -8.68 -16.35 14.31
CA VAL A 63 -7.24 -16.54 14.27
C VAL A 63 -6.92 -17.91 14.85
N ALA A 64 -6.01 -18.64 14.21
CA ALA A 64 -5.61 -19.95 14.73
C ALA A 64 -4.92 -19.79 16.07
N GLY A 65 -5.29 -20.67 17.01
CA GLY A 65 -4.66 -20.71 18.31
C GLY A 65 -4.74 -22.10 18.90
N ARG A 66 -4.00 -22.32 19.98
CA ARG A 66 -3.96 -23.62 20.62
C ARG A 66 -3.93 -23.46 22.13
N LEU A 67 -4.70 -24.31 22.80
CA LEU A 67 -4.73 -24.37 24.24
C LEU A 67 -3.75 -25.43 24.73
N SER A 68 -3.04 -25.12 25.82
CA SER A 68 -2.13 -26.11 26.39
C SER A 68 -2.93 -27.30 26.94
N PRO A 69 -2.32 -28.49 26.98
CA PRO A 69 -3.08 -29.68 27.45
C PRO A 69 -3.65 -29.53 28.85
N ASP A 70 -2.95 -28.86 29.77
CA ASP A 70 -3.50 -28.64 31.10
C ASP A 70 -4.55 -27.54 31.14
N GLY A 71 -4.89 -26.93 30.02
CA GLY A 71 -5.94 -25.92 29.98
C GLY A 71 -5.59 -24.56 30.56
N LEU A 72 -4.32 -24.33 30.92
CA LEU A 72 -3.97 -23.10 31.61
C LEU A 72 -3.55 -21.96 30.67
N ARG A 73 -3.10 -22.27 29.45
CA ARG A 73 -2.56 -21.23 28.57
C ARG A 73 -3.02 -21.46 27.14
N TRP A 74 -3.46 -20.38 26.50
CA TRP A 74 -3.85 -20.36 25.10
C TRP A 74 -2.95 -19.37 24.38
N SER A 75 -2.56 -19.68 23.16
CA SER A 75 -1.74 -18.75 22.39
C SER A 75 -2.11 -18.84 20.93
N THR A 76 -2.02 -17.70 20.24
CA THR A 76 -2.14 -17.70 18.79
C THR A 76 -1.00 -18.52 18.20
N THR A 77 -1.25 -19.13 17.03
CA THR A 77 -0.31 -20.02 16.38
C THR A 77 -0.04 -19.63 14.92
N GLU A 78 -0.57 -18.51 14.46
CA GLU A 78 -0.29 -18.01 13.12
C GLU A 78 0.17 -16.57 13.23
N GLN A 79 0.77 -16.08 12.16
CA GLN A 79 1.23 -14.70 12.13
C GLN A 79 0.05 -13.74 12.30
N LEU A 80 0.21 -12.77 13.19
CA LEU A 80 -0.78 -11.71 13.34
C LEU A 80 -0.46 -10.57 12.37
N GLY A 81 -1.50 -9.88 11.92
CA GLY A 81 -1.35 -8.90 10.85
C GLY A 81 -1.15 -7.47 11.32
N TYR A 82 -0.40 -6.70 10.53
CA TYR A 82 -0.38 -5.25 10.71
C TYR A 82 -1.75 -4.65 10.44
N ASN A 83 -2.03 -3.52 11.09
CA ASN A 83 -3.23 -2.73 10.81
C ASN A 83 -4.51 -3.56 11.00
N ARG A 84 -4.56 -4.33 12.08
CA ARG A 84 -5.73 -5.15 12.38
C ARG A 84 -6.36 -4.69 13.68
N ARG A 85 -7.67 -4.85 13.78
CA ARG A 85 -8.39 -4.71 15.04
C ARG A 85 -8.86 -6.12 15.41
N TYR A 86 -8.35 -6.66 16.51
CA TYR A 86 -8.67 -8.01 16.94
C TYR A 86 -9.53 -7.95 18.18
N THR A 87 -10.48 -8.87 18.28
CA THR A 87 -11.29 -9.02 19.49
C THR A 87 -11.08 -10.41 20.07
N LEU A 88 -10.67 -10.44 21.33
CA LEU A 88 -10.37 -11.66 22.04
C LEU A 88 -11.49 -11.92 23.05
N ASN A 89 -12.05 -13.13 23.02
CA ASN A 89 -13.08 -13.54 23.97
C ASN A 89 -12.57 -14.78 24.69
N ALA A 90 -12.58 -14.75 26.02
CA ALA A 90 -12.08 -15.87 26.80
C ALA A 90 -13.03 -16.17 27.96
N THR A 91 -13.21 -17.47 28.26
CA THR A 91 -13.95 -17.90 29.44
C THR A 91 -13.08 -18.89 30.20
N ALA A 92 -12.96 -18.71 31.51
CA ALA A 92 -12.33 -19.67 32.41
C ALA A 92 -13.36 -20.25 33.37
N LEU A 93 -13.22 -21.53 33.70
CA LEU A 93 -14.09 -22.22 34.65
C LEU A 93 -13.23 -22.85 35.73
N GLY A 94 -13.68 -22.72 36.98
CA GLY A 94 -13.06 -23.40 38.09
C GLY A 94 -14.12 -23.95 39.02
N LEU A 95 -13.67 -24.69 40.04
CA LEU A 95 -14.58 -25.15 41.07
C LEU A 95 -15.37 -24.01 41.70
N GLY A 96 -14.76 -22.83 41.80
CA GLY A 96 -15.38 -21.65 42.38
C GLY A 96 -16.20 -20.79 41.45
N GLY A 97 -16.39 -21.17 40.19
CA GLY A 97 -17.24 -20.39 39.31
C GLY A 97 -16.70 -20.17 37.91
N ALA A 98 -17.06 -19.04 37.29
CA ALA A 98 -16.70 -18.75 35.91
C ALA A 98 -16.29 -17.29 35.78
N ALA A 99 -15.45 -17.02 34.79
CA ALA A 99 -15.05 -15.64 34.47
C ALA A 99 -14.94 -15.51 32.97
N THR A 100 -15.47 -14.41 32.43
CA THR A 100 -15.43 -14.14 31.00
C THR A 100 -14.92 -12.73 30.77
N ARG A 101 -14.07 -12.54 29.75
CA ARG A 101 -13.60 -11.22 29.40
C ARG A 101 -13.61 -11.07 27.89
N GLN A 102 -13.79 -9.83 27.44
CA GLN A 102 -13.70 -9.50 26.03
C GLN A 102 -12.76 -8.32 25.87
N LEU A 103 -11.79 -8.44 24.96
CA LEU A 103 -10.76 -7.42 24.77
C LEU A 103 -10.65 -7.11 23.29
N THR A 104 -10.52 -5.84 22.96
CA THR A 104 -10.29 -5.40 21.59
C THR A 104 -9.06 -4.52 21.55
N PHE A 105 -8.18 -4.77 20.58
CA PHE A 105 -6.94 -4.01 20.46
C PHE A 105 -6.59 -3.87 18.99
N GLN A 106 -5.72 -2.90 18.71
CA GLN A 106 -5.22 -2.63 17.36
C GLN A 106 -3.74 -2.90 17.30
N THR A 107 -3.29 -3.53 16.22
CA THR A 107 -1.88 -3.79 16.04
C THR A 107 -1.18 -2.62 15.32
N SER A 108 0.16 -2.68 15.28
CA SER A 108 0.97 -1.65 14.64
C SER A 108 0.46 -1.34 13.24
N SER A 109 0.49 -0.05 12.91
CA SER A 109 0.11 0.46 11.58
C SER A 109 1.33 1.07 10.91
N PRO A 110 2.06 0.30 10.11
CA PRO A 110 3.31 0.82 9.51
C PRO A 110 3.06 1.89 8.46
N ALA A 111 4.02 2.82 8.37
CA ALA A 111 4.05 3.72 7.22
C ALA A 111 4.70 3.07 6.02
N HIS A 112 5.66 2.17 6.27
CA HIS A 112 6.41 1.50 5.22
C HIS A 112 6.74 0.09 5.69
N LEU A 113 6.98 -0.79 4.73
CA LEU A 113 7.48 -2.15 4.99
C LEU A 113 8.79 -2.35 4.26
N THR A 114 9.75 -2.99 4.92
CA THR A 114 11.00 -3.35 4.24
C THR A 114 11.26 -4.84 4.38
N MET A 115 11.73 -5.44 3.30
CA MET A 115 12.07 -6.85 3.23
C MET A 115 13.57 -7.03 3.28
N PRO A 116 14.09 -7.89 4.16
CA PRO A 116 15.52 -8.17 4.17
C PRO A 116 15.87 -9.30 3.21
N TYR A 117 17.04 -9.19 2.60
CA TYR A 117 17.59 -10.23 1.74
C TYR A 117 18.96 -10.63 2.31
N VAL A 118 19.16 -11.92 2.56
CA VAL A 118 20.37 -12.39 3.26
C VAL A 118 21.27 -13.16 2.29
N MET A 119 22.58 -12.90 2.38
CA MET A 119 23.60 -13.69 1.71
C MET A 119 24.61 -14.13 2.76
N PRO A 120 25.25 -15.29 2.57
CA PRO A 120 25.12 -16.22 1.43
C PRO A 120 23.85 -17.07 1.51
N GLY A 121 23.69 -17.94 0.52
CA GLY A 121 22.48 -18.74 0.41
C GLY A 121 22.40 -19.84 1.46
N ASP A 122 21.16 -20.30 1.69
CA ASP A 122 20.92 -21.32 2.70
C ASP A 122 21.53 -22.65 2.28
N GLY A 123 22.25 -23.29 3.21
CA GLY A 123 22.95 -24.54 2.94
C GLY A 123 24.22 -24.41 2.14
N GLU A 124 24.67 -23.20 1.82
CA GLU A 124 25.87 -23.00 1.04
C GLU A 124 27.12 -23.31 1.88
N VAL A 125 28.19 -23.73 1.20
CA VAL A 125 29.52 -23.82 1.79
C VAL A 125 30.34 -22.70 1.16
N VAL A 126 30.92 -21.83 2.00
CA VAL A 126 31.62 -20.64 1.55
C VAL A 126 33.01 -20.56 2.17
N GLY A 127 33.82 -19.63 1.65
CA GLY A 127 35.19 -19.47 2.11
C GLY A 127 35.30 -18.71 3.42
N VAL A 128 36.54 -18.67 3.95
CA VAL A 128 36.81 -18.12 5.27
C VAL A 128 36.66 -16.60 5.34
N GLY A 129 36.42 -15.93 4.21
CA GLY A 129 36.23 -14.49 4.20
C GLY A 129 34.79 -14.03 4.11
N GLU A 130 33.83 -14.93 4.10
CA GLU A 130 32.46 -14.55 3.77
C GLU A 130 31.78 -13.85 4.95
N PRO A 131 31.41 -12.59 4.85
CA PRO A 131 30.61 -12.00 5.92
C PRO A 131 29.15 -12.43 5.81
N VAL A 132 28.46 -12.38 6.94
CA VAL A 132 26.99 -12.36 6.91
C VAL A 132 26.54 -11.05 6.31
N ALA A 133 25.63 -11.10 5.33
CA ALA A 133 25.16 -9.87 4.68
C ALA A 133 23.64 -9.82 4.74
N ILE A 134 23.09 -8.73 5.26
CA ILE A 134 21.65 -8.52 5.32
C ILE A 134 21.36 -7.19 4.64
N ARG A 135 20.68 -7.25 3.49
CA ARG A 135 20.37 -6.07 2.69
C ARG A 135 18.87 -5.84 2.71
N PHE A 136 18.46 -4.70 3.25
CA PHE A 136 17.06 -4.30 3.25
C PHE A 136 16.73 -3.58 1.95
N ASP A 137 15.47 -3.69 1.52
CA ASP A 137 15.10 -3.03 0.27
C ASP A 137 14.67 -1.57 0.46
N GLU A 138 14.81 -1.03 1.68
CA GLU A 138 14.51 0.36 2.00
C GLU A 138 15.54 0.84 3.01
N ASN A 139 15.78 2.15 3.04
CA ASN A 139 16.74 2.73 3.98
C ASN A 139 16.26 2.53 5.42
N ILE A 140 17.19 2.17 6.31
CA ILE A 140 16.87 1.86 7.70
C ILE A 140 17.17 3.07 8.56
N ALA A 141 16.14 3.64 9.18
CA ALA A 141 16.33 4.82 10.01
C ALA A 141 16.91 4.47 11.39
N ASP A 142 16.56 3.33 11.95
CA ASP A 142 17.03 2.91 13.28
C ASP A 142 17.88 1.66 13.09
N ARG A 143 19.17 1.88 12.80
CA ARG A 143 20.08 0.75 12.56
C ARG A 143 20.19 -0.15 13.79
N GLY A 144 20.16 0.45 14.99
CA GLY A 144 20.24 -0.35 16.21
C GLY A 144 19.08 -1.32 16.35
N ALA A 145 17.87 -0.90 15.96
CA ALA A 145 16.72 -1.79 16.03
C ALA A 145 16.90 -2.96 15.06
N ALA A 146 17.44 -2.69 13.87
CA ALA A 146 17.69 -3.77 12.93
C ALA A 146 18.72 -4.75 13.50
N GLU A 147 19.82 -4.22 14.05
CA GLU A 147 20.86 -5.10 14.60
C GLU A 147 20.32 -5.99 15.71
N LYS A 148 19.52 -5.42 16.62
CA LYS A 148 18.96 -6.20 17.72
C LYS A 148 18.00 -7.28 17.25
N ALA A 149 17.42 -7.12 16.06
CA ALA A 149 16.48 -8.09 15.50
C ALA A 149 17.17 -9.22 14.74
N ILE A 150 18.48 -9.17 14.59
CA ILE A 150 19.25 -10.17 13.83
C ILE A 150 20.01 -11.03 14.83
N LYS A 151 19.72 -12.33 14.85
CA LYS A 151 20.34 -13.26 15.78
C LYS A 151 21.29 -14.18 15.02
N ILE A 152 22.59 -14.03 15.27
CA ILE A 152 23.63 -14.84 14.64
C ILE A 152 24.10 -15.89 15.63
N THR A 153 24.09 -17.16 15.21
CA THR A 153 24.66 -18.25 15.99
C THR A 153 25.89 -18.77 15.24
N THR A 154 26.98 -19.01 15.96
CA THR A 154 28.17 -19.61 15.39
C THR A 154 28.59 -20.82 16.21
N ASN A 155 29.11 -21.83 15.52
CA ASN A 155 29.58 -23.05 16.18
C ASN A 155 30.79 -23.58 15.42
N PRO A 156 31.99 -23.54 16.00
CA PRO A 156 32.32 -23.04 17.34
C PRO A 156 32.04 -21.55 17.47
N PRO A 157 31.59 -21.13 18.64
CA PRO A 157 31.23 -19.71 18.83
C PRO A 157 32.44 -18.82 18.66
N VAL A 158 32.22 -17.67 18.02
CA VAL A 158 33.27 -16.68 17.82
C VAL A 158 32.66 -15.29 17.93
N GLU A 159 33.41 -14.37 18.52
CA GLU A 159 32.99 -12.98 18.60
C GLU A 159 32.89 -12.36 17.20
N GLY A 160 31.82 -11.60 16.97
CA GLY A 160 31.70 -10.85 15.73
C GLY A 160 30.91 -9.59 15.99
N ALA A 161 30.74 -8.78 14.94
CA ALA A 161 30.12 -7.47 15.11
C ALA A 161 29.50 -7.01 13.79
N PHE A 162 28.50 -6.12 13.93
CA PHE A 162 27.79 -5.53 12.80
C PHE A 162 28.46 -4.24 12.32
N TYR A 163 28.46 -4.04 11.01
CA TYR A 163 28.95 -2.79 10.42
C TYR A 163 28.15 -2.52 9.15
N TRP A 164 27.71 -1.27 8.98
CA TRP A 164 26.85 -0.90 7.86
C TRP A 164 27.70 -0.41 6.69
N LEU A 165 27.47 -0.99 5.50
CA LEU A 165 28.16 -0.53 4.30
C LEU A 165 27.46 0.66 3.65
N ASN A 166 26.16 0.79 3.86
CA ASN A 166 25.36 1.90 3.37
C ASN A 166 24.08 1.91 4.18
N ASN A 167 23.11 2.70 3.75
CA ASN A 167 21.87 2.84 4.53
C ASN A 167 20.97 1.61 4.46
N ARG A 168 21.31 0.63 3.63
CA ARG A 168 20.43 -0.53 3.46
C ARG A 168 21.09 -1.86 3.81
N GLU A 169 22.41 -1.95 3.82
CA GLU A 169 23.07 -3.26 3.94
C GLU A 169 23.99 -3.26 5.15
N VAL A 170 23.78 -4.22 6.04
CA VAL A 170 24.65 -4.41 7.20
C VAL A 170 25.38 -5.74 7.04
N ARG A 171 26.60 -5.78 7.58
CA ARG A 171 27.47 -6.94 7.50
C ARG A 171 27.83 -7.39 8.90
N TRP A 172 28.03 -8.69 9.10
CA TRP A 172 28.53 -9.21 10.38
C TRP A 172 29.68 -10.16 10.11
N ARG A 173 30.78 -10.00 10.85
CA ARG A 173 31.93 -10.87 10.67
C ARG A 173 32.75 -10.89 11.95
N PRO A 174 33.61 -11.90 12.12
CA PRO A 174 34.56 -11.94 13.22
C PRO A 174 35.78 -11.06 12.95
N GLU A 175 36.67 -11.03 13.96
CA GLU A 175 37.91 -10.27 13.86
C GLU A 175 38.82 -10.80 12.77
N HIS A 176 38.96 -12.12 12.70
CA HIS A 176 39.83 -12.80 11.76
C HIS A 176 39.01 -13.70 10.87
N PHE A 177 39.63 -14.16 9.79
CA PHE A 177 38.96 -15.11 8.90
C PHE A 177 38.35 -16.25 9.70
N TRP A 178 37.22 -16.74 9.22
CA TRP A 178 36.54 -17.86 9.85
C TRP A 178 37.43 -19.10 9.94
N LYS A 179 37.20 -19.89 10.97
CA LYS A 179 37.81 -21.22 11.05
C LYS A 179 37.04 -22.19 10.15
N PRO A 180 37.73 -22.95 9.30
CA PRO A 180 37.05 -23.98 8.52
C PRO A 180 36.23 -24.90 9.42
N GLY A 181 35.05 -25.28 8.93
CA GLY A 181 34.15 -26.15 9.65
C GLY A 181 33.18 -25.45 10.57
N THR A 182 33.13 -24.13 10.53
CA THR A 182 32.22 -23.38 11.39
C THR A 182 30.82 -23.33 10.79
N ALA A 183 29.81 -23.61 11.61
CA ALA A 183 28.41 -23.41 11.24
C ALA A 183 27.98 -21.98 11.57
N VAL A 184 27.26 -21.34 10.64
CA VAL A 184 26.75 -20.00 10.85
C VAL A 184 25.25 -19.99 10.60
N ASP A 185 24.49 -19.50 11.58
CA ASP A 185 23.04 -19.42 11.47
C ASP A 185 22.62 -17.97 11.58
N VAL A 186 21.76 -17.51 10.66
CA VAL A 186 21.34 -16.12 10.62
C VAL A 186 19.82 -16.06 10.67
N ALA A 187 19.26 -15.51 11.75
CA ALA A 187 17.82 -15.33 11.87
C ALA A 187 17.53 -13.83 11.85
N VAL A 188 16.90 -13.36 10.79
CA VAL A 188 16.53 -11.96 10.67
C VAL A 188 15.05 -11.86 11.08
N ASN A 189 14.84 -11.49 12.33
CA ASN A 189 13.52 -11.52 12.96
C ASN A 189 12.90 -10.12 12.99
N THR A 190 12.64 -9.59 11.79
CA THR A 190 12.20 -8.20 11.66
C THR A 190 10.69 -8.04 11.56
N TYR A 191 9.93 -9.13 11.42
CA TYR A 191 8.47 -8.99 11.35
C TYR A 191 7.93 -8.44 12.65
N GLY A 192 7.10 -7.40 12.55
CA GLY A 192 6.59 -6.71 13.72
C GLY A 192 7.55 -5.76 14.40
N VAL A 193 8.75 -5.58 13.87
CA VAL A 193 9.76 -4.74 14.51
C VAL A 193 9.77 -3.37 13.85
N ASP A 194 9.71 -2.32 14.66
CA ASP A 194 9.77 -0.94 14.19
C ASP A 194 11.22 -0.58 13.91
N LEU A 195 11.55 -0.38 12.64
CA LEU A 195 12.90 -0.07 12.23
C LEU A 195 13.12 1.43 12.04
N GLY A 196 12.25 2.24 12.59
CA GLY A 196 12.44 3.68 12.61
C GLY A 196 11.52 4.36 11.60
N GLU A 197 10.98 5.52 12.00
CA GLU A 197 10.13 6.34 11.13
C GLU A 197 8.95 5.55 10.55
N GLY A 198 8.37 4.67 11.37
CA GLY A 198 7.22 3.89 10.96
C GLY A 198 7.49 2.79 9.96
N MET A 199 8.75 2.44 9.74
CA MET A 199 9.10 1.36 8.84
C MET A 199 9.15 0.06 9.64
N PHE A 200 8.39 -0.93 9.22
CA PHE A 200 8.38 -2.21 9.90
C PHE A 200 8.85 -3.32 8.95
N GLY A 201 9.31 -4.42 9.54
CA GLY A 201 9.77 -5.55 8.73
C GLY A 201 8.63 -6.23 8.00
N GLU A 202 8.86 -6.53 6.72
CA GLU A 202 7.84 -7.19 5.92
C GLU A 202 7.66 -8.65 6.32
N ASP A 203 8.74 -9.34 6.68
CA ASP A 203 8.69 -10.75 7.07
C ASP A 203 9.99 -11.09 7.78
N ASN A 204 10.06 -12.31 8.30
CA ASN A 204 11.29 -12.87 8.84
C ASN A 204 12.01 -13.63 7.75
N VAL A 205 13.33 -13.72 7.86
CA VAL A 205 14.11 -14.56 6.96
C VAL A 205 15.16 -15.29 7.79
N GLN A 206 15.51 -16.51 7.34
CA GLN A 206 16.38 -17.38 8.11
C GLN A 206 17.27 -18.15 7.14
N THR A 207 18.60 -18.06 7.33
CA THR A 207 19.55 -18.76 6.47
C THR A 207 20.64 -19.39 7.32
N HIS A 208 21.32 -20.37 6.74
CA HIS A 208 22.37 -21.10 7.44
C HIS A 208 23.44 -21.44 6.43
N PHE A 209 24.71 -21.26 6.79
CA PHE A 209 25.81 -21.66 5.90
C PHE A 209 26.95 -22.22 6.72
N THR A 210 27.96 -22.75 6.02
CA THR A 210 29.08 -23.42 6.65
C THR A 210 30.36 -22.97 5.96
N ILE A 211 31.43 -22.83 6.74
CA ILE A 211 32.73 -22.42 6.23
C ILE A 211 33.51 -23.65 5.78
N GLY A 212 34.00 -23.63 4.54
CA GLY A 212 34.82 -24.70 3.98
C GLY A 212 36.31 -24.46 4.13
N ASP A 213 37.08 -25.03 3.20
CA ASP A 213 38.54 -24.92 3.25
C ASP A 213 38.98 -23.46 3.19
N GLU A 214 40.13 -23.20 3.79
CA GLU A 214 40.79 -21.91 3.70
C GLU A 214 41.49 -21.79 2.35
N VAL A 215 41.03 -20.85 1.52
CA VAL A 215 41.60 -20.61 0.20
C VAL A 215 41.97 -19.13 0.13
N ILE A 216 43.26 -18.84 0.02
CA ILE A 216 43.78 -17.48 -0.01
C ILE A 216 44.72 -17.38 -1.20
N ALA A 217 44.39 -16.50 -2.15
CA ALA A 217 45.20 -16.32 -3.34
C ALA A 217 45.86 -14.95 -3.26
N THR A 218 47.19 -14.90 -3.36
CA THR A 218 47.92 -13.66 -3.20
C THR A 218 48.49 -13.22 -4.54
N ALA A 219 48.21 -11.99 -4.94
CA ALA A 219 48.76 -11.39 -6.16
C ALA A 219 49.82 -10.37 -5.75
N ASP A 220 51.08 -10.66 -6.03
CA ASP A 220 52.20 -9.80 -5.66
C ASP A 220 52.67 -9.05 -6.91
N ASP A 221 52.53 -7.72 -6.89
CA ASP A 221 52.94 -6.93 -8.05
C ASP A 221 54.45 -7.01 -8.29
N ASN A 222 55.23 -7.37 -7.27
CA ASN A 222 56.68 -7.51 -7.46
C ASN A 222 57.02 -8.67 -8.37
N THR A 223 56.20 -9.73 -8.36
CA THR A 223 56.43 -10.92 -9.16
C THR A 223 55.42 -11.10 -10.27
N LYS A 224 54.27 -10.42 -10.19
CA LYS A 224 53.17 -10.59 -11.13
C LYS A 224 52.75 -12.05 -11.21
N ILE A 225 52.72 -12.71 -10.05
CA ILE A 225 52.19 -14.06 -9.88
C ILE A 225 51.02 -14.00 -8.89
N LEU A 226 49.93 -14.66 -9.25
CA LEU A 226 48.81 -14.94 -8.35
C LEU A 226 48.97 -16.36 -7.82
N THR A 227 49.34 -16.49 -6.53
CA THR A 227 49.59 -17.78 -5.91
C THR A 227 48.38 -18.19 -5.08
N VAL A 228 47.83 -19.37 -5.37
CA VAL A 228 46.66 -19.89 -4.67
C VAL A 228 47.11 -20.88 -3.60
N ARG A 229 46.75 -20.60 -2.34
CA ARG A 229 47.06 -21.49 -1.22
C ARG A 229 45.77 -22.06 -0.64
N VAL A 230 45.76 -23.37 -0.44
CA VAL A 230 44.63 -24.09 0.13
C VAL A 230 45.11 -24.69 1.45
N ASN A 231 44.49 -24.25 2.54
CA ASN A 231 44.93 -24.59 3.90
C ASN A 231 46.44 -24.47 4.05
N GLY A 232 46.98 -23.37 3.50
CA GLY A 232 48.38 -23.04 3.64
C GLY A 232 49.32 -23.59 2.58
N GLU A 233 48.88 -24.53 1.75
CA GLU A 233 49.72 -25.17 0.74
C GLU A 233 49.53 -24.51 -0.63
N VAL A 234 50.63 -24.21 -1.31
CA VAL A 234 50.54 -23.69 -2.67
C VAL A 234 50.02 -24.81 -3.58
N VAL A 235 48.94 -24.53 -4.31
CA VAL A 235 48.40 -25.48 -5.28
C VAL A 235 48.43 -24.94 -6.70
N LYS A 236 48.62 -23.63 -6.91
CA LYS A 236 48.62 -23.05 -8.26
C LYS A 236 49.38 -21.74 -8.23
N SER A 237 50.14 -21.46 -9.29
CA SER A 237 50.88 -20.21 -9.42
C SER A 237 50.60 -19.68 -10.82
N MET A 238 49.82 -18.60 -10.90
CA MET A 238 49.30 -18.09 -12.17
C MET A 238 49.96 -16.78 -12.55
N PRO A 239 50.66 -16.69 -13.67
CA PRO A 239 51.12 -15.38 -14.14
C PRO A 239 49.93 -14.45 -14.36
N THR A 240 50.08 -13.20 -13.94
CA THR A 240 48.98 -12.25 -14.06
C THR A 240 49.46 -10.92 -14.61
N SER A 241 48.52 -10.19 -15.21
CA SER A 241 48.70 -8.80 -15.62
C SER A 241 47.62 -7.99 -14.92
N MET A 242 48.03 -7.11 -14.00
CA MET A 242 47.08 -6.34 -13.22
C MET A 242 46.92 -4.95 -13.84
N GLY A 243 46.38 -4.00 -13.08
CA GLY A 243 46.04 -2.70 -13.63
C GLY A 243 47.29 -1.92 -14.02
N LYS A 244 47.26 -1.33 -15.21
CA LYS A 244 48.34 -0.42 -15.60
C LYS A 244 48.39 0.78 -14.65
N ASP A 245 49.51 1.49 -14.69
CA ASP A 245 49.76 2.55 -13.72
C ASP A 245 48.65 3.60 -13.69
N SER A 246 48.02 3.88 -14.84
CA SER A 246 46.97 4.89 -14.85
C SER A 246 45.64 4.36 -14.33
N THR A 247 45.45 3.04 -14.29
CA THR A 247 44.25 2.42 -13.73
C THR A 247 44.67 1.21 -12.93
N PRO A 248 45.38 1.42 -11.82
CA PRO A 248 46.01 0.31 -11.09
C PRO A 248 45.01 -0.49 -10.25
N THR A 249 45.47 -1.68 -9.85
CA THR A 249 44.74 -2.54 -8.94
C THR A 249 45.03 -2.13 -7.50
N ALA A 250 43.98 -1.90 -6.71
CA ALA A 250 44.20 -1.51 -5.33
C ALA A 250 44.75 -2.67 -4.51
N ASN A 251 45.66 -2.35 -3.59
CA ASN A 251 46.12 -3.34 -2.63
C ASN A 251 45.01 -3.66 -1.64
N GLY A 252 45.14 -4.81 -0.99
CA GLY A 252 44.24 -5.10 0.12
C GLY A 252 43.64 -6.48 0.01
N ILE A 253 42.65 -6.71 0.87
CA ILE A 253 41.97 -8.00 0.98
C ILE A 253 40.64 -7.91 0.23
N TYR A 254 40.45 -8.82 -0.73
CA TYR A 254 39.23 -8.91 -1.52
C TYR A 254 38.49 -10.21 -1.19
N ILE A 255 37.17 -10.13 -1.06
CA ILE A 255 36.33 -11.32 -0.87
C ILE A 255 35.82 -11.80 -2.23
N VAL A 256 35.98 -13.09 -2.53
CA VAL A 256 35.43 -13.64 -3.77
C VAL A 256 33.91 -13.58 -3.74
N GLY A 257 33.31 -13.06 -4.82
CA GLY A 257 31.87 -13.02 -4.97
C GLY A 257 31.37 -14.03 -6.00
N SER A 258 30.63 -13.55 -7.00
CA SER A 258 30.03 -14.40 -8.02
C SER A 258 31.05 -14.82 -9.08
N ARG A 259 30.71 -15.90 -9.79
CA ARG A 259 31.55 -16.43 -10.86
C ARG A 259 30.70 -16.64 -12.10
N TYR A 260 31.32 -16.44 -13.27
CA TYR A 260 30.63 -16.47 -14.56
C TYR A 260 31.44 -17.25 -15.58
N LYS A 261 30.80 -18.22 -16.25
CA LYS A 261 31.46 -18.87 -17.38
C LYS A 261 31.81 -17.85 -18.46
N HIS A 262 30.96 -16.83 -18.64
CA HIS A 262 31.25 -15.71 -19.51
C HIS A 262 30.41 -14.53 -19.05
N ILE A 263 30.91 -13.32 -19.31
CA ILE A 263 30.19 -12.13 -18.90
C ILE A 263 30.68 -10.96 -19.74
N ILE A 264 29.74 -10.07 -20.09
CA ILE A 264 30.10 -8.81 -20.71
C ILE A 264 30.39 -7.81 -19.60
N MET A 265 31.66 -7.46 -19.44
CA MET A 265 32.05 -6.47 -18.46
C MET A 265 31.83 -5.08 -19.05
N ASP A 266 30.94 -4.32 -18.41
CA ASP A 266 30.49 -3.02 -18.90
C ASP A 266 30.90 -1.98 -17.86
N SER A 267 31.84 -1.10 -18.23
CA SER A 267 32.37 -0.15 -17.27
C SER A 267 31.29 0.76 -16.71
N SER A 268 30.19 0.97 -17.45
CA SER A 268 29.13 1.83 -16.94
C SER A 268 28.48 1.23 -15.71
N THR A 269 28.52 -0.10 -15.57
CA THR A 269 28.05 -0.73 -14.34
C THR A 269 28.81 -0.22 -13.12
N TYR A 270 30.09 0.14 -13.31
CA TYR A 270 30.95 0.56 -12.21
C TYR A 270 31.23 2.06 -12.23
N GLY A 271 30.35 2.83 -12.90
CA GLY A 271 30.41 4.29 -12.86
C GLY A 271 31.27 4.95 -13.92
N VAL A 272 31.75 4.22 -14.92
CA VAL A 272 32.66 4.76 -15.93
C VAL A 272 32.00 4.62 -17.30
N PRO A 273 31.72 5.73 -17.99
CA PRO A 273 31.09 5.63 -19.32
C PRO A 273 31.98 4.92 -20.33
N VAL A 274 31.35 4.09 -21.16
CA VAL A 274 32.10 3.23 -22.07
C VAL A 274 32.95 4.06 -23.03
N ASN A 275 32.40 5.13 -23.59
CA ASN A 275 33.16 5.92 -24.54
C ASN A 275 34.13 6.88 -23.88
N SER A 276 34.26 6.85 -22.56
CA SER A 276 35.20 7.71 -21.84
C SER A 276 36.60 7.09 -21.90
N PRO A 277 37.65 7.84 -21.50
CA PRO A 277 39.02 7.32 -21.67
C PRO A 277 39.26 5.97 -20.99
N ASN A 278 38.69 5.73 -19.82
CA ASN A 278 38.87 4.46 -19.14
C ASN A 278 37.68 3.53 -19.26
N GLY A 279 36.74 3.85 -20.15
CA GLY A 279 35.58 3.01 -20.33
C GLY A 279 35.90 1.79 -21.18
N TYR A 280 35.01 0.82 -21.10
CA TYR A 280 35.17 -0.42 -21.85
C TYR A 280 33.86 -1.17 -21.83
N ARG A 281 33.68 -2.02 -22.83
CA ARG A 281 32.63 -3.03 -22.84
C ARG A 281 33.22 -4.27 -23.49
N THR A 282 33.48 -5.31 -22.69
CA THR A 282 34.29 -6.43 -23.13
C THR A 282 33.69 -7.74 -22.65
N ASP A 283 33.56 -8.69 -23.57
CA ASP A 283 33.07 -10.04 -23.26
C ASP A 283 34.27 -10.89 -22.84
N VAL A 284 34.21 -11.47 -21.65
CA VAL A 284 35.32 -12.30 -21.17
C VAL A 284 34.79 -13.65 -20.67
N ASP A 285 35.68 -14.64 -20.66
CA ASP A 285 35.38 -15.97 -20.16
C ASP A 285 35.93 -16.16 -18.75
N TRP A 286 35.29 -17.05 -18.01
CA TRP A 286 35.82 -17.58 -16.74
C TRP A 286 36.16 -16.44 -15.78
N ALA A 287 35.13 -15.68 -15.40
CA ALA A 287 35.32 -14.45 -14.65
C ALA A 287 34.84 -14.62 -13.22
N THR A 288 35.73 -14.35 -12.25
CA THR A 288 35.40 -14.40 -10.84
C THR A 288 35.45 -12.98 -10.28
N GLN A 289 34.32 -12.50 -9.77
CA GLN A 289 34.26 -11.13 -9.25
C GLN A 289 34.90 -11.06 -7.86
N ILE A 290 35.74 -10.04 -7.64
CA ILE A 290 36.35 -9.87 -6.32
C ILE A 290 36.17 -8.46 -5.76
N SER A 291 35.59 -7.52 -6.52
CA SER A 291 35.17 -6.26 -5.90
C SER A 291 33.91 -5.76 -6.59
N TYR A 292 33.08 -5.02 -5.83
CA TYR A 292 31.93 -4.36 -6.43
C TYR A 292 32.36 -3.25 -7.38
N SER A 293 33.55 -2.69 -7.17
CA SER A 293 34.09 -1.69 -8.07
C SER A 293 34.46 -2.27 -9.43
N GLY A 294 34.35 -3.58 -9.62
CA GLY A 294 34.49 -4.18 -10.93
C GLY A 294 35.76 -4.96 -11.19
N VAL A 295 36.51 -5.31 -10.16
CA VAL A 295 37.72 -6.12 -10.33
C VAL A 295 37.31 -7.58 -10.42
N PHE A 296 37.81 -8.27 -11.46
CA PHE A 296 37.58 -9.69 -11.67
C PHE A 296 38.94 -10.36 -11.89
N VAL A 297 39.02 -11.63 -11.55
CA VAL A 297 40.00 -12.53 -12.16
C VAL A 297 39.33 -13.15 -13.39
N HIS A 298 39.98 -13.06 -14.56
CA HIS A 298 39.30 -13.57 -15.76
C HIS A 298 40.29 -13.94 -16.85
N SER A 299 39.78 -14.69 -17.84
CA SER A 299 40.56 -15.10 -19.00
C SER A 299 40.92 -13.90 -19.85
N ALA A 300 42.20 -13.76 -20.19
CA ALA A 300 42.68 -12.64 -21.01
C ALA A 300 43.65 -13.17 -22.07
N PRO A 301 43.14 -13.82 -23.11
CA PRO A 301 44.04 -14.36 -24.14
C PRO A 301 44.84 -13.28 -24.85
N TRP A 302 44.35 -12.03 -24.87
CA TRP A 302 45.06 -10.96 -25.56
C TRP A 302 46.31 -10.50 -24.81
N SER A 303 46.44 -10.79 -23.51
CA SER A 303 47.56 -10.27 -22.74
C SER A 303 48.45 -11.38 -22.17
N VAL A 304 48.37 -12.59 -22.73
CA VAL A 304 49.15 -13.71 -22.18
C VAL A 304 50.64 -13.39 -22.24
N GLY A 305 51.08 -12.67 -23.26
CA GLY A 305 52.48 -12.26 -23.32
C GLY A 305 52.90 -11.37 -22.18
N ALA A 306 51.99 -10.52 -21.69
CA ALA A 306 52.33 -9.59 -20.61
C ALA A 306 52.17 -10.19 -19.23
N GLN A 307 51.32 -11.21 -19.09
CA GLN A 307 51.08 -11.83 -17.80
C GLN A 307 52.36 -12.39 -17.22
N GLY A 308 52.63 -12.04 -15.97
CA GLY A 308 53.89 -12.33 -15.32
C GLY A 308 54.99 -11.34 -15.62
N HIS A 309 54.71 -10.29 -16.40
CA HIS A 309 55.75 -9.36 -16.82
C HIS A 309 55.35 -7.90 -16.64
N THR A 310 54.22 -7.49 -17.22
CA THR A 310 53.80 -6.09 -17.17
C THR A 310 52.29 -6.01 -16.95
N ASN A 311 51.87 -4.90 -16.32
CA ASN A 311 50.47 -4.63 -16.04
C ASN A 311 49.84 -3.89 -17.21
N THR A 312 48.68 -4.37 -17.66
CA THR A 312 48.02 -3.82 -18.84
C THR A 312 46.52 -3.60 -18.70
N SER A 313 45.91 -3.94 -17.57
CA SER A 313 44.46 -3.98 -17.51
C SER A 313 43.91 -2.68 -16.93
N HIS A 314 42.58 -2.62 -16.84
CA HIS A 314 41.89 -1.53 -16.17
C HIS A 314 41.81 -1.75 -14.66
N GLY A 315 42.43 -2.80 -14.13
CA GLY A 315 42.35 -3.12 -12.71
C GLY A 315 42.14 -4.60 -12.46
N CYS A 316 41.57 -5.29 -13.45
CA CYS A 316 41.32 -6.71 -13.37
C CYS A 316 42.62 -7.50 -13.28
N LEU A 317 42.52 -8.71 -12.72
CA LEU A 317 43.63 -9.65 -12.67
C LEU A 317 43.49 -10.54 -13.91
N ASN A 318 44.21 -10.15 -14.97
CA ASN A 318 44.28 -10.93 -16.20
C ASN A 318 45.11 -12.18 -15.96
N VAL A 319 44.56 -13.35 -16.30
CA VAL A 319 45.33 -14.58 -16.31
C VAL A 319 45.03 -15.35 -17.60
N SER A 320 45.74 -16.45 -17.80
CA SER A 320 45.53 -17.24 -19.01
C SER A 320 44.13 -17.87 -19.01
N PRO A 321 43.61 -18.23 -20.19
CA PRO A 321 42.31 -18.92 -20.23
C PRO A 321 42.24 -20.16 -19.37
N SER A 322 43.27 -21.01 -19.38
CA SER A 322 43.19 -22.21 -18.56
C SER A 322 43.27 -21.88 -17.07
N ASN A 323 44.08 -20.90 -16.69
CA ASN A 323 44.17 -20.51 -15.27
C ASN A 323 42.90 -19.82 -14.79
N ALA A 324 42.24 -19.04 -15.65
CA ALA A 324 40.96 -18.47 -15.24
C ALA A 324 39.90 -19.55 -15.05
N GLN A 325 39.89 -20.56 -15.93
CA GLN A 325 38.96 -21.68 -15.76
C GLN A 325 39.29 -22.46 -14.49
N TRP A 326 40.58 -22.68 -14.22
CA TRP A 326 40.97 -23.33 -12.96
C TRP A 326 40.45 -22.53 -11.76
N PHE A 327 40.64 -21.22 -11.78
CA PHE A 327 40.17 -20.35 -10.69
C PHE A 327 38.65 -20.47 -10.54
N TYR A 328 37.92 -20.40 -11.65
CA TYR A 328 36.46 -20.59 -11.63
C TYR A 328 36.08 -21.93 -11.00
N ASP A 329 36.81 -23.00 -11.35
CA ASP A 329 36.47 -24.34 -10.88
C ASP A 329 36.82 -24.55 -9.41
N HIS A 330 37.86 -23.88 -8.90
CA HIS A 330 38.45 -24.23 -7.62
C HIS A 330 38.29 -23.20 -6.52
N VAL A 331 37.86 -21.98 -6.85
CA VAL A 331 37.63 -20.94 -5.86
C VAL A 331 36.13 -20.75 -5.73
N LYS A 332 35.67 -20.48 -4.50
CA LYS A 332 34.26 -20.38 -4.19
C LYS A 332 33.99 -19.02 -3.54
N ARG A 333 32.70 -18.66 -3.52
CA ARG A 333 32.26 -17.46 -2.84
C ARG A 333 32.82 -17.43 -1.42
N GLY A 334 33.40 -16.29 -1.04
CA GLY A 334 33.96 -16.15 0.31
C GLY A 334 35.42 -16.51 0.45
N ASP A 335 36.04 -17.15 -0.55
CA ASP A 335 37.48 -17.27 -0.52
C ASP A 335 38.11 -15.88 -0.65
N ILE A 336 39.43 -15.80 -0.47
CA ILE A 336 40.11 -14.51 -0.32
C ILE A 336 41.16 -14.33 -1.41
N VAL A 337 41.21 -13.12 -1.99
CA VAL A 337 42.31 -12.69 -2.83
C VAL A 337 42.96 -11.50 -2.14
N GLU A 338 44.27 -11.56 -1.94
CA GLU A 338 45.02 -10.47 -1.33
C GLU A 338 45.97 -9.89 -2.38
N VAL A 339 45.90 -8.58 -2.57
CA VAL A 339 46.75 -7.88 -3.53
C VAL A 339 47.79 -7.08 -2.75
N VAL A 340 49.06 -7.19 -3.16
CA VAL A 340 50.14 -6.51 -2.44
C VAL A 340 51.09 -5.86 -3.43
N ASN A 341 51.70 -4.75 -3.00
CA ASN A 341 52.83 -4.10 -3.65
C ASN A 341 52.49 -3.42 -4.97
N THR A 342 51.21 -3.15 -5.26
CA THR A 342 50.91 -2.36 -6.45
C THR A 342 51.05 -0.87 -6.17
N VAL A 343 50.95 -0.08 -7.24
CA VAL A 343 50.99 1.38 -7.12
C VAL A 343 49.63 1.97 -6.82
N GLY A 344 48.60 1.15 -6.65
CA GLY A 344 47.31 1.64 -6.24
C GLY A 344 47.25 1.95 -4.75
N GLY A 345 46.10 2.46 -4.32
CA GLY A 345 45.82 2.64 -2.91
C GLY A 345 45.38 1.33 -2.28
N THR A 346 44.53 1.45 -1.25
CA THR A 346 43.94 0.29 -0.60
C THR A 346 42.47 0.22 -0.97
N LEU A 347 41.99 -1.00 -1.21
CA LEU A 347 40.59 -1.18 -1.56
C LEU A 347 39.71 -0.60 -0.44
N PRO A 348 38.69 0.18 -0.78
CA PRO A 348 37.81 0.73 0.26
C PRO A 348 37.13 -0.36 1.09
N GLY A 349 37.08 -0.13 2.40
CA GLY A 349 36.43 -1.06 3.30
C GLY A 349 34.96 -1.26 3.00
N ILE A 350 34.29 -0.26 2.43
CA ILE A 350 32.87 -0.35 2.12
C ILE A 350 32.62 -0.58 0.63
N ASP A 351 33.60 -1.15 -0.09
CA ASP A 351 33.41 -1.50 -1.48
C ASP A 351 32.18 -2.37 -1.70
N GLY A 352 31.94 -3.32 -0.79
CA GLY A 352 31.02 -4.43 -0.99
C GLY A 352 31.68 -5.78 -0.80
N LEU A 353 32.96 -5.89 -1.20
CA LEU A 353 33.77 -7.08 -0.96
C LEU A 353 35.07 -6.71 -0.28
N GLY A 354 35.11 -5.52 0.33
CA GLY A 354 36.32 -5.02 0.95
C GLY A 354 36.30 -5.01 2.47
N ASP A 355 35.37 -5.77 3.06
CA ASP A 355 35.09 -5.69 4.50
C ASP A 355 36.33 -5.87 5.38
N TRP A 356 37.25 -6.74 4.99
CA TRP A 356 38.38 -7.06 5.85
C TRP A 356 39.43 -5.96 5.89
N ASN A 357 39.30 -4.93 5.04
CA ASN A 357 40.24 -3.82 5.08
C ASN A 357 39.91 -2.82 6.18
N ILE A 358 38.76 -2.95 6.82
CA ILE A 358 38.42 -2.09 7.95
C ILE A 358 39.07 -2.65 9.21
N PRO A 359 39.87 -1.86 9.93
CA PRO A 359 40.48 -2.36 11.18
C PRO A 359 39.42 -2.86 12.15
N TRP A 360 39.78 -3.93 12.89
CA TRP A 360 38.81 -4.55 13.79
C TRP A 360 38.30 -3.58 14.83
N ASP A 361 39.18 -2.73 15.38
CA ASP A 361 38.72 -1.78 16.38
C ASP A 361 37.61 -0.89 15.83
N GLN A 362 37.71 -0.50 14.56
CA GLN A 362 36.68 0.31 13.91
C GLN A 362 35.43 -0.52 13.59
N TRP A 363 35.62 -1.69 12.99
CA TRP A 363 34.49 -2.56 12.68
C TRP A 363 33.68 -2.90 13.92
N ARG A 364 34.37 -3.34 14.99
CA ARG A 364 33.72 -3.79 16.21
C ARG A 364 32.95 -2.67 16.87
N ALA A 365 33.43 -1.42 16.74
CA ALA A 365 32.70 -0.30 17.30
C ALA A 365 31.38 -0.06 16.56
N GLY A 366 31.33 -0.42 15.27
CA GLY A 366 30.09 -0.32 14.51
C GLY A 366 29.81 1.10 14.06
N ASN A 367 28.66 1.27 13.42
CA ASN A 367 28.25 2.59 12.97
C ASN A 367 26.74 2.70 12.97
N ALA A 368 26.09 2.09 13.97
CA ALA A 368 24.63 2.14 14.07
C ALA A 368 24.10 3.53 14.37
N LYS A 369 24.91 4.39 14.97
CA LYS A 369 24.46 5.75 15.28
C LYS A 369 24.91 6.79 14.26
N LEU B 20 -65.17 44.00 2.05
CA LEU B 20 -64.77 42.64 2.34
C LEU B 20 -63.79 42.56 3.52
N VAL B 21 -64.03 41.61 4.41
CA VAL B 21 -63.09 41.29 5.49
C VAL B 21 -61.88 40.58 4.89
N PRO B 22 -60.65 40.85 5.33
CA PRO B 22 -59.49 40.13 4.78
C PRO B 22 -59.57 38.64 5.09
N LYS B 23 -58.95 37.83 4.25
CA LYS B 23 -58.89 36.38 4.44
C LYS B 23 -57.44 35.91 4.47
N LEU B 24 -57.13 35.03 5.42
CA LEU B 24 -55.79 34.48 5.61
C LEU B 24 -55.77 33.01 5.21
N THR B 25 -54.80 32.64 4.37
CA THR B 25 -54.59 31.27 3.92
C THR B 25 -53.16 30.86 4.20
N ALA B 26 -52.96 29.70 4.81
CA ALA B 26 -51.62 29.22 5.10
C ALA B 26 -51.33 27.93 4.33
N SER B 27 -50.04 27.61 4.20
CA SER B 27 -49.60 26.37 3.56
C SER B 27 -49.71 25.17 4.49
N VAL B 28 -50.10 25.40 5.73
CA VAL B 28 -50.45 24.37 6.70
C VAL B 28 -51.83 24.72 7.21
N THR B 29 -52.42 23.81 7.96
CA THR B 29 -53.72 24.08 8.54
CA THR B 29 -53.74 24.01 8.54
C THR B 29 -53.69 23.76 10.03
N ASP B 30 -54.62 24.38 10.76
CA ASP B 30 -54.66 24.19 12.20
C ASP B 30 -54.93 22.73 12.53
N GLY B 31 -54.18 22.20 13.49
CA GLY B 31 -54.32 20.82 13.91
C GLY B 31 -53.57 19.82 13.05
N ALA B 32 -52.80 20.28 12.06
CA ALA B 32 -52.11 19.34 11.17
C ALA B 32 -50.98 18.63 11.92
N VAL B 33 -50.74 17.37 11.54
CA VAL B 33 -49.60 16.62 12.04
C VAL B 33 -48.87 16.03 10.85
N GLY B 34 -47.63 15.60 11.10
CA GLY B 34 -46.79 15.07 10.04
C GLY B 34 -46.43 16.08 8.97
N VAL B 35 -46.42 17.38 9.31
CA VAL B 35 -46.03 18.40 8.35
C VAL B 35 -44.56 18.25 8.01
N THR B 36 -44.25 18.18 6.72
CA THR B 36 -42.87 17.94 6.31
C THR B 36 -42.08 19.24 6.31
N VAL B 37 -40.80 19.13 6.64
CA VAL B 37 -39.95 20.28 6.78
C VAL B 37 -39.02 20.44 5.59
N ASP B 38 -39.37 19.85 4.44
CA ASP B 38 -38.61 20.05 3.22
C ASP B 38 -38.98 21.34 2.49
N ALA B 39 -39.93 22.12 3.00
CA ALA B 39 -40.35 23.33 2.33
C ALA B 39 -40.72 24.36 3.38
N PRO B 40 -40.68 25.65 3.04
CA PRO B 40 -41.06 26.68 4.02
C PRO B 40 -42.56 26.68 4.27
N VAL B 41 -42.94 27.33 5.37
CA VAL B 41 -44.35 27.57 5.70
C VAL B 41 -44.68 28.99 5.27
N SER B 42 -45.79 29.16 4.54
CA SER B 42 -46.16 30.48 4.06
C SER B 42 -47.61 30.81 4.41
N VAL B 43 -47.91 32.11 4.40
CA VAL B 43 -49.23 32.66 4.65
C VAL B 43 -49.49 33.74 3.60
N THR B 44 -50.72 33.79 3.07
CA THR B 44 -51.08 34.84 2.13
C THR B 44 -52.38 35.49 2.57
N ALA B 45 -52.52 36.77 2.23
CA ALA B 45 -53.74 37.52 2.49
C ALA B 45 -54.48 37.78 1.19
N ALA B 46 -55.81 37.73 1.25
CA ALA B 46 -56.66 38.23 0.19
C ALA B 46 -57.59 39.29 0.77
N ASP B 47 -57.96 40.27 -0.07
CA ASP B 47 -58.85 41.37 0.33
C ASP B 47 -58.25 42.16 1.49
N GLY B 48 -56.94 42.28 1.47
CA GLY B 48 -56.23 42.92 2.56
C GLY B 48 -54.76 42.61 2.46
N VAL B 49 -54.03 43.01 3.50
CA VAL B 49 -52.59 42.80 3.56
C VAL B 49 -52.26 42.23 4.92
N LEU B 50 -51.16 41.47 4.98
CA LEU B 50 -50.67 40.94 6.25
C LEU B 50 -50.05 42.07 7.06
N ALA B 51 -50.56 42.28 8.27
CA ALA B 51 -49.93 43.28 9.13
C ALA B 51 -48.80 42.66 9.95
N ALA B 52 -48.99 41.44 10.43
CA ALA B 52 -47.97 40.83 11.28
C ALA B 52 -48.19 39.32 11.25
N VAL B 53 -47.07 38.59 11.21
CA VAL B 53 -47.08 37.13 11.27
C VAL B 53 -45.95 36.72 12.19
N THR B 54 -46.26 35.88 13.17
CA THR B 54 -45.23 35.30 14.02
C THR B 54 -45.41 33.78 14.03
N MET B 55 -44.29 33.06 14.09
CA MET B 55 -44.33 31.62 14.26
C MET B 55 -43.33 31.27 15.34
N VAL B 56 -43.77 30.53 16.36
CA VAL B 56 -42.90 30.15 17.47
C VAL B 56 -42.95 28.64 17.66
N ASN B 57 -41.86 28.08 18.18
CA ASN B 57 -41.91 26.68 18.61
C ASN B 57 -42.50 26.61 20.02
N ASP B 58 -42.62 25.38 20.54
CA ASP B 58 -43.34 25.18 21.79
C ASP B 58 -42.65 25.88 22.96
N ASN B 59 -41.34 26.07 22.88
CA ASN B 59 -40.59 26.83 23.88
C ASN B 59 -40.75 28.34 23.71
N GLY B 60 -41.47 28.80 22.70
CA GLY B 60 -41.67 30.23 22.49
C GLY B 60 -40.60 30.92 21.67
N ARG B 61 -39.66 30.20 21.12
CA ARG B 61 -38.62 30.80 20.30
C ARG B 61 -39.17 31.09 18.91
N PRO B 62 -39.11 32.34 18.43
CA PRO B 62 -39.68 32.65 17.12
C PRO B 62 -38.85 32.05 16.00
N VAL B 63 -39.52 31.77 14.89
CA VAL B 63 -38.91 31.30 13.66
C VAL B 63 -38.71 32.49 12.75
N ALA B 64 -37.56 32.55 12.07
CA ALA B 64 -37.30 33.65 11.16
C ALA B 64 -38.23 33.60 9.96
N GLY B 65 -38.77 34.75 9.58
CA GLY B 65 -39.63 34.83 8.42
C GLY B 65 -39.56 36.21 7.79
N ARG B 66 -40.21 36.35 6.65
CA ARG B 66 -40.10 37.56 5.85
C ARG B 66 -41.41 37.83 5.14
N LEU B 67 -41.89 39.06 5.25
CA LEU B 67 -43.06 39.54 4.53
C LEU B 67 -42.66 40.14 3.19
N SER B 68 -43.45 39.85 2.16
CA SER B 68 -43.19 40.43 0.86
C SER B 68 -43.44 41.93 0.91
N PRO B 69 -42.75 42.72 0.08
CA PRO B 69 -42.92 44.18 0.17
C PRO B 69 -44.37 44.64 -0.01
N ASP B 70 -45.17 43.94 -0.84
CA ASP B 70 -46.56 44.34 -1.01
C ASP B 70 -47.48 43.85 0.10
N GLY B 71 -46.94 43.18 1.12
CA GLY B 71 -47.73 42.74 2.25
C GLY B 71 -48.61 41.55 2.00
N LEU B 72 -48.53 40.90 0.84
CA LEU B 72 -49.47 39.85 0.50
C LEU B 72 -49.02 38.46 0.94
N ARG B 73 -47.72 38.23 1.09
CA ARG B 73 -47.22 36.88 1.38
C ARG B 73 -46.13 36.93 2.44
N TRP B 74 -46.15 35.97 3.35
CA TRP B 74 -45.13 35.80 4.38
C TRP B 74 -44.62 34.37 4.30
N SER B 75 -43.32 34.19 4.51
CA SER B 75 -42.71 32.86 4.45
C SER B 75 -41.65 32.74 5.52
N THR B 76 -41.53 31.54 6.11
CA THR B 76 -40.35 31.24 6.91
C THR B 76 -39.11 31.30 6.02
N THR B 77 -37.97 31.60 6.65
CA THR B 77 -36.71 31.76 5.94
C THR B 77 -35.58 30.95 6.55
N GLU B 78 -35.82 30.19 7.60
CA GLU B 78 -34.83 29.29 8.17
C GLU B 78 -35.42 27.89 8.20
N GLN B 79 -34.54 26.91 8.42
CA GLN B 79 -34.97 25.52 8.40
C GLN B 79 -35.89 25.24 9.58
N LEU B 80 -36.97 24.54 9.31
CA LEU B 80 -37.89 24.08 10.34
C LEU B 80 -37.44 22.70 10.85
N GLY B 81 -37.67 22.46 12.13
CA GLY B 81 -37.14 21.29 12.80
C GLY B 81 -38.09 20.11 12.83
N TYR B 82 -37.52 18.91 12.82
CA TYR B 82 -38.27 17.70 13.13
C TYR B 82 -38.81 17.73 14.55
N ASN B 83 -39.94 17.04 14.77
CA ASN B 83 -40.48 16.82 16.10
C ASN B 83 -40.70 18.14 16.83
N ARG B 84 -41.34 19.08 16.13
CA ARG B 84 -41.66 20.39 16.69
C ARG B 84 -43.15 20.66 16.60
N ARG B 85 -43.65 21.38 17.58
CA ARG B 85 -45.00 21.93 17.53
C ARG B 85 -44.86 23.43 17.34
N TYR B 86 -45.33 23.95 16.21
CA TYR B 86 -45.21 25.36 15.89
C TYR B 86 -46.57 26.02 15.98
N THR B 87 -46.59 27.25 16.45
CA THR B 87 -47.81 28.04 16.51
C THR B 87 -47.62 29.29 15.69
N LEU B 88 -48.49 29.47 14.71
CA LEU B 88 -48.47 30.60 13.79
C LEU B 88 -49.60 31.55 14.18
N ASN B 89 -49.29 32.83 14.37
CA ASN B 89 -50.28 33.87 14.62
C ASN B 89 -50.17 34.88 13.50
N ALA B 90 -51.31 35.26 12.91
CA ALA B 90 -51.30 36.17 11.77
C ALA B 90 -52.48 37.12 11.86
N THR B 91 -52.25 38.37 11.45
CA THR B 91 -53.28 39.39 11.42
C THR B 91 -53.24 40.05 10.04
N ALA B 92 -54.39 40.19 9.41
CA ALA B 92 -54.53 40.87 8.13
C ALA B 92 -55.47 42.04 8.30
N LEU B 93 -55.18 43.14 7.60
CA LEU B 93 -56.02 44.33 7.62
C LEU B 93 -56.43 44.67 6.19
N GLY B 94 -57.66 45.12 6.02
CA GLY B 94 -58.11 45.66 4.76
C GLY B 94 -59.03 46.83 5.00
N LEU B 95 -59.52 47.41 3.89
CA LEU B 95 -60.49 48.49 4.01
C LEU B 95 -61.75 48.03 4.73
N GLY B 96 -62.11 46.77 4.59
CA GLY B 96 -63.29 46.20 5.22
C GLY B 96 -63.13 45.73 6.64
N GLY B 97 -61.92 45.78 7.21
CA GLY B 97 -61.74 45.39 8.59
C GLY B 97 -60.49 44.57 8.83
N ALA B 98 -60.51 43.73 9.85
CA ALA B 98 -59.34 42.97 10.28
C ALA B 98 -59.70 41.51 10.45
N ALA B 99 -58.70 40.63 10.30
CA ALA B 99 -58.89 39.22 10.57
C ALA B 99 -57.63 38.69 11.22
N THR B 100 -57.81 37.84 12.23
CA THR B 100 -56.67 37.24 12.93
C THR B 100 -56.88 35.74 13.00
N ARG B 101 -55.79 34.99 12.90
CA ARG B 101 -55.88 33.54 13.01
C ARG B 101 -54.71 33.01 13.82
N GLN B 102 -54.96 31.89 14.48
CA GLN B 102 -53.91 31.17 15.19
C GLN B 102 -53.99 29.71 14.77
N LEU B 103 -52.84 29.15 14.36
CA LEU B 103 -52.75 27.79 13.86
C LEU B 103 -51.63 27.10 14.62
N THR B 104 -51.85 25.84 15.01
CA THR B 104 -50.78 25.04 15.60
C THR B 104 -50.65 23.75 14.81
N PHE B 105 -49.43 23.37 14.47
CA PHE B 105 -49.22 22.14 13.72
C PHE B 105 -47.95 21.45 14.24
N GLN B 106 -47.84 20.16 13.93
CA GLN B 106 -46.70 19.34 14.34
C GLN B 106 -45.96 18.82 13.12
N THR B 107 -44.64 18.91 13.15
CA THR B 107 -43.82 18.43 12.04
C THR B 107 -43.49 16.94 12.18
N SER B 108 -42.96 16.37 11.10
CA SER B 108 -42.58 14.96 11.07
C SER B 108 -41.74 14.58 12.27
N SER B 109 -41.99 13.40 12.81
CA SER B 109 -41.21 12.84 13.92
C SER B 109 -40.48 11.59 13.40
N PRO B 110 -39.24 11.71 12.94
CA PRO B 110 -38.55 10.54 12.39
C PRO B 110 -38.23 9.49 13.43
N ALA B 111 -38.22 8.23 12.98
CA ALA B 111 -37.63 7.14 13.76
C ALA B 111 -36.12 7.10 13.62
N HIS B 112 -35.60 7.46 12.44
CA HIS B 112 -34.19 7.46 12.12
C HIS B 112 -33.86 8.65 11.25
N LEU B 113 -32.61 9.07 11.30
CA LEU B 113 -32.06 10.08 10.40
C LEU B 113 -30.89 9.49 9.65
N THR B 114 -30.79 9.76 8.36
CA THR B 114 -29.64 9.33 7.59
C THR B 114 -29.00 10.53 6.89
N MET B 115 -27.68 10.56 6.93
CA MET B 115 -26.90 11.62 6.33
C MET B 115 -26.29 11.15 5.02
N PRO B 116 -26.51 11.87 3.92
CA PRO B 116 -25.86 11.50 2.66
C PRO B 116 -24.46 12.09 2.55
N TYR B 117 -23.61 11.37 1.81
CA TYR B 117 -22.27 11.82 1.47
C TYR B 117 -22.12 11.71 -0.03
N VAL B 118 -21.72 12.78 -0.71
CA VAL B 118 -21.68 12.82 -2.16
CA VAL B 118 -21.68 12.82 -2.16
C VAL B 118 -20.24 12.88 -2.65
N MET B 119 -19.97 12.13 -3.71
CA MET B 119 -18.72 12.14 -4.46
C MET B 119 -19.05 12.36 -5.93
N PRO B 120 -18.17 13.03 -6.70
CA PRO B 120 -16.89 13.62 -6.29
C PRO B 120 -17.02 14.92 -5.51
N GLY B 121 -15.90 15.48 -5.08
CA GLY B 121 -15.94 16.63 -4.22
C GLY B 121 -16.32 17.90 -4.94
N ASP B 122 -16.82 18.86 -4.17
CA ASP B 122 -17.22 20.16 -4.73
C ASP B 122 -16.04 20.85 -5.39
N GLY B 123 -16.26 21.37 -6.59
CA GLY B 123 -15.23 22.06 -7.34
C GLY B 123 -14.19 21.18 -8.00
N GLU B 124 -14.28 19.86 -7.85
CA GLU B 124 -13.31 18.95 -8.47
C GLU B 124 -13.44 18.94 -9.98
N VAL B 125 -12.33 18.66 -10.66
CA VAL B 125 -12.30 18.33 -12.09
C VAL B 125 -11.98 16.84 -12.18
N VAL B 126 -12.85 16.07 -12.85
CA VAL B 126 -12.75 14.62 -12.87
C VAL B 126 -12.82 14.12 -14.31
N GLY B 127 -12.50 12.84 -14.48
CA GLY B 127 -12.46 12.24 -15.81
C GLY B 127 -13.84 11.84 -16.31
N VAL B 128 -13.86 11.38 -17.57
CA VAL B 128 -15.11 11.14 -18.29
C VAL B 128 -15.84 9.90 -17.82
N GLY B 129 -15.24 9.12 -16.92
CA GLY B 129 -15.90 7.96 -16.36
C GLY B 129 -16.52 8.17 -14.99
N GLU B 130 -16.47 9.37 -14.44
CA GLU B 130 -16.84 9.57 -13.04
C GLU B 130 -18.36 9.55 -12.86
N PRO B 131 -18.91 8.61 -12.10
CA PRO B 131 -20.34 8.68 -11.78
C PRO B 131 -20.59 9.62 -10.61
N VAL B 132 -21.81 10.12 -10.53
CA VAL B 132 -22.27 10.73 -9.30
C VAL B 132 -22.52 9.64 -8.28
N ALA B 133 -22.01 9.81 -7.07
CA ALA B 133 -22.18 8.79 -6.03
C ALA B 133 -22.79 9.45 -4.81
N ILE B 134 -23.90 8.91 -4.33
CA ILE B 134 -24.54 9.37 -3.10
C ILE B 134 -24.59 8.17 -2.16
N ARG B 135 -23.84 8.25 -1.06
CA ARG B 135 -23.77 7.17 -0.08
C ARG B 135 -24.42 7.65 1.22
N PHE B 136 -25.45 6.93 1.65
CA PHE B 136 -26.15 7.20 2.91
C PHE B 136 -25.52 6.39 4.03
N ASP B 137 -25.58 6.93 5.26
CA ASP B 137 -24.99 6.21 6.38
C ASP B 137 -25.94 5.19 7.02
N GLU B 138 -27.15 5.04 6.48
CA GLU B 138 -28.11 4.03 6.92
C GLU B 138 -28.77 3.41 5.69
N ASN B 139 -29.29 2.20 5.84
CA ASN B 139 -29.93 1.49 4.74
C ASN B 139 -31.21 2.21 4.32
N ILE B 140 -31.40 2.38 3.01
CA ILE B 140 -32.55 3.09 2.48
C ILE B 140 -33.67 2.09 2.14
N ALA B 141 -34.81 2.22 2.81
CA ALA B 141 -35.94 1.32 2.56
C ALA B 141 -36.74 1.72 1.32
N ASP B 142 -36.86 3.02 1.04
CA ASP B 142 -37.60 3.53 -0.10
C ASP B 142 -36.60 4.16 -1.07
N ARG B 143 -35.98 3.32 -1.92
CA ARG B 143 -34.98 3.82 -2.86
C ARG B 143 -35.58 4.83 -3.83
N GLY B 144 -36.83 4.62 -4.22
CA GLY B 144 -37.48 5.56 -5.13
C GLY B 144 -37.63 6.95 -4.55
N ALA B 145 -37.90 7.04 -3.24
CA ALA B 145 -37.99 8.34 -2.60
C ALA B 145 -36.62 9.03 -2.57
N ALA B 146 -35.56 8.27 -2.33
CA ALA B 146 -34.22 8.85 -2.37
C ALA B 146 -33.90 9.36 -3.77
N GLU B 147 -34.19 8.56 -4.80
CA GLU B 147 -33.92 8.98 -6.17
C GLU B 147 -34.67 10.27 -6.52
N LYS B 148 -35.94 10.36 -6.12
CA LYS B 148 -36.75 11.54 -6.41
C LYS B 148 -36.17 12.78 -5.73
N ALA B 149 -35.50 12.62 -4.59
CA ALA B 149 -34.96 13.75 -3.83
C ALA B 149 -33.62 14.24 -4.37
N ILE B 150 -33.05 13.56 -5.37
CA ILE B 150 -31.71 13.86 -5.86
C ILE B 150 -31.88 14.53 -7.22
N LYS B 151 -31.52 15.81 -7.29
CA LYS B 151 -31.70 16.62 -8.50
C LYS B 151 -30.34 16.84 -9.15
N ILE B 152 -30.17 16.32 -10.36
CA ILE B 152 -28.91 16.43 -11.10
C ILE B 152 -29.13 17.31 -12.32
N THR B 153 -28.27 18.31 -12.47
CA THR B 153 -28.26 19.19 -13.62
C THR B 153 -26.98 18.97 -14.39
N THR B 154 -27.07 18.90 -15.71
CA THR B 154 -25.89 18.78 -16.55
C THR B 154 -25.91 19.84 -17.65
N ASN B 155 -24.73 20.31 -18.01
CA ASN B 155 -24.59 21.29 -19.09
C ASN B 155 -23.28 21.02 -19.83
N PRO B 156 -23.33 20.58 -21.09
CA PRO B 156 -24.54 20.31 -21.90
C PRO B 156 -25.43 19.20 -21.30
N PRO B 157 -26.73 19.35 -21.43
CA PRO B 157 -27.65 18.37 -20.81
C PRO B 157 -27.51 17.01 -21.46
N VAL B 158 -27.47 15.98 -20.63
CA VAL B 158 -27.42 14.60 -21.10
C VAL B 158 -28.30 13.75 -20.17
N GLU B 159 -28.95 12.76 -20.76
CA GLU B 159 -29.74 11.80 -20.01
C GLU B 159 -28.83 10.91 -19.16
N GLY B 160 -29.26 10.64 -17.93
CA GLY B 160 -28.62 9.67 -17.07
C GLY B 160 -29.65 8.98 -16.21
N ALA B 161 -29.20 8.08 -15.33
CA ALA B 161 -30.13 7.27 -14.55
C ALA B 161 -29.44 6.74 -13.30
N PHE B 162 -30.26 6.36 -12.31
CA PHE B 162 -29.80 5.85 -11.01
C PHE B 162 -29.68 4.33 -11.00
N TYR B 163 -28.67 3.84 -10.28
CA TYR B 163 -28.51 2.42 -10.02
C TYR B 163 -27.85 2.24 -8.67
N TRP B 164 -28.36 1.32 -7.86
CA TRP B 164 -27.89 1.10 -6.51
C TRP B 164 -26.82 0.01 -6.48
N LEU B 165 -25.67 0.32 -5.88
CA LEU B 165 -24.59 -0.65 -5.73
C LEU B 165 -24.77 -1.52 -4.50
N ASN B 166 -25.46 -1.02 -3.49
CA ASN B 166 -25.81 -1.75 -2.28
C ASN B 166 -26.97 -1.01 -1.62
N ASN B 167 -27.30 -1.39 -0.39
CA ASN B 167 -28.46 -0.79 0.27
C ASN B 167 -28.23 0.66 0.69
N ARG B 168 -26.99 1.16 0.62
CA ARG B 168 -26.68 2.49 1.09
C ARG B 168 -26.18 3.45 0.01
N GLU B 169 -25.73 2.96 -1.15
CA GLU B 169 -25.06 3.83 -2.11
C GLU B 169 -25.73 3.72 -3.47
N VAL B 170 -26.10 4.88 -4.03
CA VAL B 170 -26.70 4.94 -5.36
C VAL B 170 -25.77 5.74 -6.27
N ARG B 171 -25.73 5.34 -7.53
CA ARG B 171 -24.86 5.93 -8.54
C ARG B 171 -25.71 6.51 -9.66
N TRP B 172 -25.22 7.57 -10.31
CA TRP B 172 -25.93 8.15 -11.44
C TRP B 172 -24.92 8.45 -12.55
N ARG B 173 -25.24 8.06 -13.78
CA ARG B 173 -24.31 8.29 -14.87
C ARG B 173 -25.08 8.31 -16.17
N PRO B 174 -24.49 8.86 -17.23
CA PRO B 174 -25.10 8.79 -18.56
C PRO B 174 -24.84 7.44 -19.21
N GLU B 175 -25.40 7.29 -20.42
CA GLU B 175 -25.22 6.06 -21.19
C GLU B 175 -23.77 5.88 -21.63
N HIS B 176 -23.13 6.96 -22.09
CA HIS B 176 -21.75 6.93 -22.55
C HIS B 176 -20.91 7.83 -21.65
N PHE B 177 -19.58 7.70 -21.80
CA PHE B 177 -18.65 8.56 -21.07
C PHE B 177 -19.03 10.03 -21.26
N TRP B 178 -18.82 10.81 -20.20
CA TRP B 178 -19.09 12.24 -20.25
C TRP B 178 -18.33 12.92 -21.38
N LYS B 179 -18.91 13.98 -21.91
CA LYS B 179 -18.18 14.88 -22.79
C LYS B 179 -17.30 15.82 -21.97
N PRO B 180 -16.03 15.98 -22.31
CA PRO B 180 -15.20 16.98 -21.64
C PRO B 180 -15.84 18.35 -21.69
N GLY B 181 -15.68 19.11 -20.60
CA GLY B 181 -16.27 20.43 -20.49
C GLY B 181 -17.68 20.46 -19.94
N THR B 182 -18.18 19.35 -19.44
CA THR B 182 -19.54 19.28 -18.94
C THR B 182 -19.57 19.67 -17.47
N ALA B 183 -20.49 20.56 -17.11
CA ALA B 183 -20.77 20.91 -15.73
C ALA B 183 -21.81 19.97 -15.18
N VAL B 184 -21.59 19.48 -13.96
CA VAL B 184 -22.52 18.57 -13.29
C VAL B 184 -22.86 19.14 -11.93
N ASP B 185 -24.15 19.27 -11.63
CA ASP B 185 -24.60 19.84 -10.37
C ASP B 185 -25.48 18.81 -9.67
N VAL B 186 -25.20 18.54 -8.40
CA VAL B 186 -25.90 17.49 -7.66
C VAL B 186 -26.49 18.11 -6.41
N ALA B 187 -27.82 18.16 -6.32
CA ALA B 187 -28.51 18.63 -5.12
C ALA B 187 -29.23 17.45 -4.48
N VAL B 188 -28.74 17.00 -3.32
CA VAL B 188 -29.33 15.89 -2.58
C VAL B 188 -30.25 16.54 -1.54
N ASN B 189 -31.53 16.67 -1.89
CA ASN B 189 -32.49 17.44 -1.09
C ASN B 189 -33.31 16.50 -0.23
N THR B 190 -32.63 15.91 0.76
CA THR B 190 -33.19 14.85 1.58
C THR B 190 -33.75 15.35 2.90
N TYR B 191 -33.46 16.59 3.29
CA TYR B 191 -34.00 17.11 4.54
C TYR B 191 -35.52 17.19 4.45
N GLY B 192 -36.20 16.62 5.44
CA GLY B 192 -37.65 16.59 5.44
C GLY B 192 -38.28 15.50 4.60
N VAL B 193 -37.48 14.69 3.91
CA VAL B 193 -38.00 13.65 3.03
C VAL B 193 -38.03 12.32 3.77
N ASP B 194 -39.17 11.62 3.71
CA ASP B 194 -39.31 10.29 4.29
C ASP B 194 -38.70 9.29 3.31
N LEU B 195 -37.62 8.63 3.73
CA LEU B 195 -36.92 7.66 2.91
C LEU B 195 -37.31 6.22 3.24
N GLY B 196 -38.45 6.04 3.90
CA GLY B 196 -38.96 4.71 4.16
C GLY B 196 -38.77 4.32 5.61
N GLU B 197 -39.82 3.73 6.19
CA GLU B 197 -39.78 3.17 7.54
C GLU B 197 -39.42 4.24 8.58
N GLY B 198 -39.93 5.45 8.39
CA GLY B 198 -39.67 6.52 9.32
C GLY B 198 -38.27 7.09 9.30
N MET B 199 -37.48 6.76 8.29
CA MET B 199 -36.14 7.33 8.14
C MET B 199 -36.24 8.60 7.31
N PHE B 200 -35.73 9.72 7.86
CA PHE B 200 -35.73 10.99 7.16
C PHE B 200 -34.29 11.47 6.96
N GLY B 201 -34.11 12.37 6.00
CA GLY B 201 -32.79 12.92 5.74
C GLY B 201 -32.31 13.84 6.87
N GLU B 202 -31.05 13.67 7.26
CA GLU B 202 -30.51 14.51 8.33
C GLU B 202 -30.25 15.94 7.85
N ASP B 203 -29.89 16.10 6.59
CA ASP B 203 -29.58 17.41 6.02
C ASP B 203 -29.57 17.26 4.50
N ASN B 204 -29.54 18.40 3.82
CA ASN B 204 -29.28 18.46 2.39
C ASN B 204 -27.78 18.51 2.16
N VAL B 205 -27.35 18.01 1.00
CA VAL B 205 -25.97 18.16 0.56
C VAL B 205 -25.99 18.61 -0.90
N GLN B 206 -24.97 19.38 -1.28
CA GLN B 206 -24.82 19.71 -2.67
C GLN B 206 -23.35 19.55 -3.06
N THR B 207 -23.14 19.33 -4.35
CA THR B 207 -21.80 19.33 -4.91
C THR B 207 -21.92 19.76 -6.36
N HIS B 208 -20.83 20.29 -6.89
CA HIS B 208 -20.77 20.67 -8.28
C HIS B 208 -19.39 20.26 -8.78
N PHE B 209 -19.33 19.62 -9.94
CA PHE B 209 -18.03 19.27 -10.49
C PHE B 209 -18.04 19.43 -12.01
N THR B 210 -16.86 19.26 -12.61
CA THR B 210 -16.68 19.49 -14.03
C THR B 210 -15.89 18.33 -14.62
N ILE B 211 -16.24 17.94 -15.85
CA ILE B 211 -15.52 16.92 -16.59
C ILE B 211 -14.35 17.55 -17.32
N GLY B 212 -13.14 17.03 -17.08
CA GLY B 212 -11.92 17.48 -17.74
C GLY B 212 -11.59 16.68 -18.99
N ASP B 213 -10.29 16.63 -19.31
CA ASP B 213 -9.85 15.93 -20.52
C ASP B 213 -10.25 14.46 -20.48
N GLU B 214 -10.54 13.92 -21.67
CA GLU B 214 -10.84 12.50 -21.81
C GLU B 214 -9.53 11.71 -21.76
N VAL B 215 -9.40 10.85 -20.76
CA VAL B 215 -8.19 10.04 -20.58
C VAL B 215 -8.63 8.59 -20.48
N ILE B 216 -8.24 7.79 -21.47
CA ILE B 216 -8.61 6.38 -21.54
C ILE B 216 -7.33 5.58 -21.78
N ALA B 217 -6.98 4.70 -20.84
CA ALA B 217 -5.80 3.86 -20.96
C ALA B 217 -6.25 2.43 -21.20
N THR B 218 -5.73 1.80 -22.25
CA THR B 218 -6.16 0.46 -22.61
C THR B 218 -5.03 -0.53 -22.41
N ALA B 219 -5.31 -1.58 -21.63
CA ALA B 219 -4.35 -2.66 -21.35
C ALA B 219 -4.78 -3.90 -22.14
N ASP B 220 -3.98 -4.29 -23.12
CA ASP B 220 -4.32 -5.39 -24.01
C ASP B 220 -3.43 -6.57 -23.63
N ASP B 221 -4.05 -7.64 -23.14
CA ASP B 221 -3.25 -8.80 -22.74
C ASP B 221 -2.54 -9.43 -23.94
N ASN B 222 -3.09 -9.25 -25.15
CA ASN B 222 -2.45 -9.82 -26.35
C ASN B 222 -1.11 -9.15 -26.64
N THR B 223 -0.92 -7.91 -26.19
CA THR B 223 0.30 -7.17 -26.44
C THR B 223 1.07 -6.83 -25.17
N LYS B 224 0.47 -6.94 -23.99
CA LYS B 224 1.07 -6.56 -22.71
C LYS B 224 1.50 -5.09 -22.70
N ILE B 225 0.75 -4.23 -23.39
CA ILE B 225 0.98 -2.78 -23.41
C ILE B 225 -0.23 -2.08 -22.82
N LEU B 226 0.02 -1.10 -21.95
CA LEU B 226 -0.99 -0.16 -21.47
C LEU B 226 -0.80 1.16 -22.21
N THR B 227 -1.71 1.45 -23.14
CA THR B 227 -1.64 2.65 -23.98
C THR B 227 -2.53 3.75 -23.41
N VAL B 228 -1.96 4.93 -23.16
CA VAL B 228 -2.73 6.05 -22.62
C VAL B 228 -3.10 6.98 -23.76
N ARG B 229 -4.39 7.24 -23.93
CA ARG B 229 -4.88 8.19 -24.93
C ARG B 229 -5.54 9.36 -24.21
N VAL B 230 -5.17 10.57 -24.62
CA VAL B 230 -5.71 11.79 -24.06
C VAL B 230 -6.42 12.51 -25.20
N ASN B 231 -7.75 12.64 -25.08
CA ASN B 231 -8.59 13.21 -26.13
C ASN B 231 -8.30 12.56 -27.49
N GLY B 232 -8.19 11.22 -27.48
CA GLY B 232 -7.99 10.46 -28.69
C GLY B 232 -6.54 10.27 -29.13
N GLU B 233 -5.59 10.97 -28.53
CA GLU B 233 -4.20 10.97 -28.95
C GLU B 233 -3.37 10.04 -28.07
N VAL B 234 -2.58 9.17 -28.69
CA VAL B 234 -1.66 8.34 -27.91
C VAL B 234 -0.55 9.21 -27.33
N VAL B 235 -0.43 9.22 -26.01
CA VAL B 235 0.62 9.99 -25.36
C VAL B 235 1.61 9.13 -24.57
N LYS B 236 1.29 7.87 -24.28
CA LYS B 236 2.19 7.01 -23.51
C LYS B 236 1.86 5.57 -23.82
N SER B 237 2.89 4.73 -23.90
CA SER B 237 2.73 3.30 -24.15
C SER B 237 3.61 2.56 -23.15
N MET B 238 2.98 1.89 -22.18
CA MET B 238 3.70 1.34 -21.02
C MET B 238 3.68 -0.18 -21.06
N PRO B 239 4.83 -0.85 -21.15
CA PRO B 239 4.83 -2.30 -20.95
C PRO B 239 4.29 -2.64 -19.58
N THR B 240 3.47 -3.68 -19.51
CA THR B 240 2.86 -4.03 -18.23
C THR B 240 2.90 -5.54 -18.04
N SER B 241 2.87 -5.94 -16.78
CA SER B 241 2.67 -7.33 -16.38
C SER B 241 1.41 -7.38 -15.53
N MET B 242 0.40 -8.09 -15.99
CA MET B 242 -0.89 -8.15 -15.33
C MET B 242 -1.00 -9.46 -14.52
N GLY B 243 -2.21 -9.81 -14.10
CA GLY B 243 -2.40 -10.98 -13.27
C GLY B 243 -2.01 -12.29 -13.91
N LYS B 244 -1.22 -13.11 -13.21
CA LYS B 244 -0.90 -14.44 -13.70
C LYS B 244 -2.18 -15.26 -13.88
N ASP B 245 -2.05 -16.40 -14.57
CA ASP B 245 -3.23 -17.19 -14.96
C ASP B 245 -4.10 -17.56 -13.76
N SER B 246 -3.48 -17.89 -12.62
CA SER B 246 -4.26 -18.34 -11.48
C SER B 246 -4.90 -17.20 -10.71
N THR B 247 -4.46 -15.96 -10.94
CA THR B 247 -5.04 -14.76 -10.35
C THR B 247 -5.10 -13.67 -11.41
N PRO B 248 -5.94 -13.84 -12.43
CA PRO B 248 -5.89 -12.96 -13.59
C PRO B 248 -6.54 -11.61 -13.34
N THR B 249 -6.15 -10.65 -14.16
CA THR B 249 -6.84 -9.36 -14.20
C THR B 249 -8.14 -9.50 -14.97
N ALA B 250 -9.24 -9.08 -14.36
CA ALA B 250 -10.53 -9.11 -15.04
C ALA B 250 -10.57 -8.15 -16.23
N ASN B 251 -11.20 -8.57 -17.31
CA ASN B 251 -11.46 -7.65 -18.41
C ASN B 251 -12.54 -6.64 -18.03
N GLY B 252 -12.56 -5.52 -18.74
CA GLY B 252 -13.67 -4.59 -18.60
C GLY B 252 -13.20 -3.18 -18.41
N ILE B 253 -14.15 -2.32 -18.02
CA ILE B 253 -13.92 -0.89 -17.83
C ILE B 253 -13.76 -0.61 -16.35
N TYR B 254 -12.66 0.03 -15.99
CA TYR B 254 -12.34 0.42 -14.62
C TYR B 254 -12.32 1.95 -14.51
N ILE B 255 -12.87 2.48 -13.42
CA ILE B 255 -12.83 3.92 -13.15
C ILE B 255 -11.67 4.20 -12.21
N VAL B 256 -10.83 5.17 -12.56
CA VAL B 256 -9.75 5.58 -11.66
C VAL B 256 -10.31 6.17 -10.37
N GLY B 257 -9.81 5.68 -9.24
CA GLY B 257 -10.18 6.23 -7.94
C GLY B 257 -9.08 7.08 -7.35
N SER B 258 -8.60 6.70 -6.17
CA SER B 258 -7.58 7.47 -5.47
C SER B 258 -6.17 7.14 -6.00
N ARG B 259 -5.24 8.06 -5.74
CA ARG B 259 -3.84 7.92 -6.10
C ARG B 259 -3.00 8.07 -4.84
N TYR B 260 -1.90 7.31 -4.77
CA TYR B 260 -1.03 7.31 -3.61
C TYR B 260 0.43 7.38 -4.05
N LYS B 261 1.20 8.29 -3.44
CA LYS B 261 2.63 8.29 -3.68
C LYS B 261 3.27 6.99 -3.18
N HIS B 262 2.74 6.43 -2.11
CA HIS B 262 3.10 5.08 -1.68
C HIS B 262 1.95 4.53 -0.85
N ILE B 263 1.83 3.21 -0.86
CA ILE B 263 0.76 2.56 -0.11
C ILE B 263 1.19 1.13 0.18
N ILE B 264 0.80 0.63 1.34
CA ILE B 264 0.94 -0.79 1.63
C ILE B 264 -0.33 -1.47 1.14
N MET B 265 -0.21 -2.22 0.05
CA MET B 265 -1.33 -3.01 -0.45
C MET B 265 -1.45 -4.26 0.41
N ASP B 266 -2.61 -4.45 1.02
CA ASP B 266 -2.86 -5.53 1.96
C ASP B 266 -4.04 -6.34 1.41
N SER B 267 -3.78 -7.59 1.00
CA SER B 267 -4.83 -8.40 0.38
C SER B 267 -6.01 -8.63 1.31
N SER B 268 -5.80 -8.55 2.63
CA SER B 268 -6.92 -8.70 3.56
C SER B 268 -7.95 -7.60 3.40
N THR B 269 -7.53 -6.42 2.94
CA THR B 269 -8.47 -5.34 2.64
C THR B 269 -9.51 -5.78 1.62
N TYR B 270 -9.12 -6.68 0.71
CA TYR B 270 -9.97 -7.11 -0.40
C TYR B 270 -10.48 -8.53 -0.22
N GLY B 271 -10.47 -9.03 1.02
CA GLY B 271 -11.08 -10.31 1.35
C GLY B 271 -10.18 -11.51 1.26
N VAL B 272 -8.90 -11.35 0.96
CA VAL B 272 -7.97 -12.47 0.82
C VAL B 272 -7.00 -12.45 1.99
N PRO B 273 -7.01 -13.46 2.86
CA PRO B 273 -6.05 -13.49 3.97
C PRO B 273 -4.61 -13.44 3.47
N VAL B 274 -3.80 -12.60 4.13
CA VAL B 274 -2.41 -12.43 3.72
C VAL B 274 -1.68 -13.77 3.74
N ASN B 275 -1.96 -14.60 4.75
CA ASN B 275 -1.30 -15.90 4.92
C ASN B 275 -1.83 -16.97 3.97
N SER B 276 -2.80 -16.66 3.13
CA SER B 276 -3.40 -17.61 2.22
C SER B 276 -2.59 -17.71 0.93
N PRO B 277 -2.87 -18.68 0.05
CA PRO B 277 -2.01 -18.86 -1.14
C PRO B 277 -1.98 -17.65 -2.07
N ASN B 278 -3.07 -16.90 -2.20
CA ASN B 278 -3.08 -15.71 -3.03
C ASN B 278 -2.98 -14.42 -2.22
N GLY B 279 -2.63 -14.52 -0.92
CA GLY B 279 -2.48 -13.34 -0.11
C GLY B 279 -1.13 -12.66 -0.29
N TYR B 280 -1.07 -11.39 0.14
CA TYR B 280 0.13 -10.59 0.02
C TYR B 280 -0.01 -9.36 0.89
N ARG B 281 1.13 -8.76 1.21
CA ARG B 281 1.15 -7.44 1.84
C ARG B 281 2.41 -6.78 1.31
N THR B 282 2.23 -5.74 0.49
CA THR B 282 3.33 -5.23 -0.34
C THR B 282 3.34 -3.70 -0.32
N ASP B 283 4.49 -3.13 0.04
CA ASP B 283 4.67 -1.67 0.00
C ASP B 283 5.06 -1.26 -1.42
N VAL B 284 4.27 -0.40 -2.04
CA VAL B 284 4.51 0.00 -3.44
C VAL B 284 4.45 1.51 -3.60
N ASP B 285 5.14 2.01 -4.63
CA ASP B 285 5.13 3.43 -4.96
C ASP B 285 4.19 3.71 -6.12
N TRP B 286 3.72 4.96 -6.19
CA TRP B 286 3.02 5.50 -7.36
C TRP B 286 1.86 4.59 -7.77
N ALA B 287 0.89 4.48 -6.86
CA ALA B 287 -0.19 3.51 -6.98
C ALA B 287 -1.50 4.24 -7.27
N THR B 288 -2.13 3.88 -8.38
CA THR B 288 -3.42 4.43 -8.76
C THR B 288 -4.45 3.32 -8.66
N GLN B 289 -5.44 3.47 -7.78
CA GLN B 289 -6.45 2.44 -7.58
C GLN B 289 -7.48 2.49 -8.70
N ILE B 290 -7.80 1.33 -9.29
CA ILE B 290 -8.81 1.27 -10.33
C ILE B 290 -9.93 0.28 -10.04
N SER B 291 -9.87 -0.50 -8.96
CA SER B 291 -11.07 -1.23 -8.52
C SER B 291 -11.10 -1.33 -7.00
N TYR B 292 -12.31 -1.43 -6.44
CA TYR B 292 -12.44 -1.70 -5.00
C TYR B 292 -11.96 -3.09 -4.67
N SER B 293 -11.97 -4.00 -5.65
CA SER B 293 -11.43 -5.34 -5.45
C SER B 293 -9.91 -5.35 -5.29
N GLY B 294 -9.24 -4.20 -5.45
CA GLY B 294 -7.83 -4.09 -5.15
C GLY B 294 -6.89 -4.05 -6.34
N VAL B 295 -7.39 -3.77 -7.54
CA VAL B 295 -6.51 -3.59 -8.70
C VAL B 295 -5.96 -2.17 -8.69
N PHE B 296 -4.64 -2.04 -8.78
CA PHE B 296 -3.92 -0.78 -8.91
C PHE B 296 -3.02 -0.83 -10.14
N VAL B 297 -2.79 0.34 -10.75
CA VAL B 297 -1.61 0.55 -11.57
C VAL B 297 -0.52 1.07 -10.65
N HIS B 298 0.65 0.42 -10.61
CA HIS B 298 1.65 0.84 -9.63
C HIS B 298 3.05 0.47 -10.08
N SER B 299 4.03 1.04 -9.37
CA SER B 299 5.44 0.78 -9.65
C SER B 299 5.81 -0.63 -9.23
N ALA B 300 6.49 -1.36 -10.13
CA ALA B 300 6.84 -2.76 -9.89
C ALA B 300 8.26 -2.99 -10.37
N PRO B 301 9.26 -2.48 -9.63
CA PRO B 301 10.65 -2.68 -10.08
C PRO B 301 11.05 -4.14 -10.17
N TRP B 302 10.41 -5.02 -9.40
CA TRP B 302 10.80 -6.44 -9.39
C TRP B 302 10.38 -7.19 -10.65
N SER B 303 9.47 -6.64 -11.47
CA SER B 303 8.99 -7.37 -12.63
C SER B 303 9.24 -6.64 -13.95
N VAL B 304 10.18 -5.68 -13.98
CA VAL B 304 10.39 -4.94 -15.22
C VAL B 304 10.85 -5.87 -16.35
N GLY B 305 11.52 -6.97 -16.00
CA GLY B 305 11.88 -7.95 -17.01
C GLY B 305 10.68 -8.64 -17.62
N ALA B 306 9.62 -8.86 -16.84
CA ALA B 306 8.41 -9.52 -17.35
C ALA B 306 7.47 -8.55 -18.05
N GLN B 307 7.52 -7.27 -17.72
CA GLN B 307 6.56 -6.32 -18.25
C GLN B 307 6.70 -6.23 -19.77
N GLY B 308 5.56 -6.31 -20.46
CA GLY B 308 5.54 -6.41 -21.91
C GLY B 308 5.68 -7.82 -22.44
N HIS B 309 5.83 -8.82 -21.56
CA HIS B 309 6.07 -10.20 -21.97
C HIS B 309 5.18 -11.23 -21.26
N THR B 310 5.17 -11.20 -19.92
CA THR B 310 4.57 -12.26 -19.10
C THR B 310 3.80 -11.66 -17.94
N ASN B 311 2.64 -12.24 -17.62
CA ASN B 311 1.84 -11.82 -16.49
C ASN B 311 2.35 -12.47 -15.20
N THR B 312 2.59 -11.65 -14.17
CA THR B 312 3.18 -12.13 -12.92
C THR B 312 2.47 -11.69 -11.66
N SER B 313 1.45 -10.84 -11.75
CA SER B 313 0.91 -10.16 -10.58
C SER B 313 -0.29 -10.90 -9.99
N HIS B 314 -0.83 -10.36 -8.90
CA HIS B 314 -2.07 -10.87 -8.32
C HIS B 314 -3.31 -10.27 -8.98
N GLY B 315 -3.15 -9.42 -9.98
CA GLY B 315 -4.26 -8.75 -10.61
C GLY B 315 -3.91 -7.32 -10.96
N CYS B 316 -2.97 -6.74 -10.21
CA CYS B 316 -2.51 -5.37 -10.45
C CYS B 316 -1.87 -5.25 -11.83
N LEU B 317 -1.86 -4.01 -12.33
CA LEU B 317 -1.16 -3.67 -13.58
C LEU B 317 0.22 -3.16 -13.17
N ASN B 318 1.19 -4.08 -13.16
CA ASN B 318 2.59 -3.75 -12.88
C ASN B 318 3.17 -2.96 -14.04
N VAL B 319 3.78 -1.80 -13.76
CA VAL B 319 4.55 -1.05 -14.76
C VAL B 319 5.85 -0.57 -14.12
N SER B 320 6.72 0.03 -14.94
CA SER B 320 8.01 0.48 -14.45
C SER B 320 7.83 1.65 -13.47
N PRO B 321 8.81 1.86 -12.59
CA PRO B 321 8.74 3.01 -11.67
C PRO B 321 8.47 4.33 -12.37
N SER B 322 9.13 4.59 -13.50
CA SER B 322 8.91 5.88 -14.15
C SER B 322 7.53 5.96 -14.79
N ASN B 323 7.03 4.85 -15.35
CA ASN B 323 5.69 4.90 -15.93
C ASN B 323 4.61 4.99 -14.85
N ALA B 324 4.83 4.37 -13.70
CA ALA B 324 3.85 4.50 -12.62
C ALA B 324 3.79 5.94 -12.11
N GLN B 325 4.95 6.61 -12.01
CA GLN B 325 4.93 8.01 -11.60
C GLN B 325 4.27 8.86 -12.66
N TRP B 326 4.55 8.59 -13.95
CA TRP B 326 3.89 9.32 -15.03
C TRP B 326 2.38 9.16 -14.93
N PHE B 327 1.93 7.93 -14.68
CA PHE B 327 0.49 7.67 -14.56
C PHE B 327 -0.09 8.43 -13.38
N TYR B 328 0.59 8.38 -12.23
CA TYR B 328 0.17 9.14 -11.05
C TYR B 328 0.03 10.62 -11.37
N ASP B 329 0.98 11.16 -12.14
CA ASP B 329 1.04 12.58 -12.43
C ASP B 329 -0.01 13.01 -13.45
N HIS B 330 -0.43 12.12 -14.35
CA HIS B 330 -1.21 12.53 -15.51
C HIS B 330 -2.65 12.04 -15.50
N VAL B 331 -3.02 11.14 -14.59
CA VAL B 331 -4.37 10.59 -14.53
C VAL B 331 -5.05 11.16 -13.29
N LYS B 332 -6.37 11.28 -13.35
CA LYS B 332 -7.15 11.85 -12.28
C LYS B 332 -8.35 10.96 -12.00
N ARG B 333 -8.95 11.17 -10.83
CA ARG B 333 -10.18 10.49 -10.46
C ARG B 333 -11.19 10.59 -11.60
N GLY B 334 -11.74 9.45 -11.99
CA GLY B 334 -12.74 9.43 -13.05
C GLY B 334 -12.19 9.13 -14.43
N ASP B 335 -10.88 9.17 -14.64
CA ASP B 335 -10.33 8.66 -15.89
C ASP B 335 -10.60 7.15 -16.00
N ILE B 336 -10.33 6.58 -17.18
CA ILE B 336 -10.77 5.23 -17.51
C ILE B 336 -9.57 4.35 -17.82
N VAL B 337 -9.55 3.14 -17.26
CA VAL B 337 -8.67 2.06 -17.70
C VAL B 337 -9.55 0.94 -18.25
N GLU B 338 -9.27 0.52 -19.48
CA GLU B 338 -9.98 -0.60 -20.08
C GLU B 338 -9.03 -1.77 -20.24
N VAL B 339 -9.44 -2.95 -19.78
CA VAL B 339 -8.63 -4.16 -19.89
C VAL B 339 -9.31 -5.12 -20.86
N VAL B 340 -8.55 -5.66 -21.81
CA VAL B 340 -9.09 -6.55 -22.83
C VAL B 340 -8.20 -7.77 -23.01
N ASN B 341 -8.84 -8.89 -23.37
CA ASN B 341 -8.21 -10.13 -23.84
C ASN B 341 -7.46 -10.90 -22.76
N THR B 342 -7.74 -10.67 -21.48
CA THR B 342 -7.14 -11.53 -20.47
C THR B 342 -7.92 -12.83 -20.33
N VAL B 343 -7.33 -13.78 -19.59
CA VAL B 343 -8.04 -15.02 -19.27
C VAL B 343 -9.00 -14.86 -18.09
N GLY B 344 -9.10 -13.65 -17.53
CA GLY B 344 -10.05 -13.41 -16.48
C GLY B 344 -11.48 -13.29 -17.01
N GLY B 345 -12.41 -13.11 -16.08
CA GLY B 345 -13.77 -12.81 -16.45
C GLY B 345 -13.95 -11.33 -16.70
N THR B 346 -15.09 -10.77 -16.32
CA THR B 346 -15.36 -9.35 -16.43
C THR B 346 -15.49 -8.75 -15.04
N LEU B 347 -14.96 -7.55 -14.86
CA LEU B 347 -15.05 -6.87 -13.57
C LEU B 347 -16.51 -6.70 -13.18
N PRO B 348 -16.89 -7.01 -11.94
CA PRO B 348 -18.29 -6.87 -11.54
C PRO B 348 -18.79 -5.44 -11.66
N GLY B 349 -20.01 -5.29 -12.19
CA GLY B 349 -20.60 -3.96 -12.32
C GLY B 349 -20.80 -3.25 -11.00
N ILE B 350 -20.92 -3.99 -9.89
CA ILE B 350 -21.12 -3.34 -8.60
C ILE B 350 -19.86 -3.40 -7.76
N ASP B 351 -18.70 -3.48 -8.43
CA ASP B 351 -17.41 -3.43 -7.74
C ASP B 351 -17.30 -2.21 -6.84
N GLY B 352 -17.74 -1.05 -7.35
CA GLY B 352 -17.45 0.23 -6.74
C GLY B 352 -16.81 1.18 -7.75
N LEU B 353 -15.97 0.64 -8.63
CA LEU B 353 -15.43 1.38 -9.76
C LEU B 353 -15.71 0.65 -11.07
N GLY B 354 -16.69 -0.26 -11.08
CA GLY B 354 -16.99 -1.08 -12.24
C GLY B 354 -18.30 -0.72 -12.92
N ASP B 355 -18.81 0.49 -12.66
CA ASP B 355 -20.16 0.89 -13.07
C ASP B 355 -20.40 0.72 -14.57
N TRP B 356 -19.40 1.00 -15.40
CA TRP B 356 -19.60 0.99 -16.84
C TRP B 356 -19.69 -0.41 -17.43
N ASN B 357 -19.42 -1.46 -16.66
CA ASN B 357 -19.60 -2.82 -17.14
C ASN B 357 -21.05 -3.28 -17.11
N ILE B 358 -21.94 -2.53 -16.46
CA ILE B 358 -23.38 -2.82 -16.50
C ILE B 358 -23.95 -2.23 -17.79
N PRO B 359 -24.58 -3.03 -18.64
CA PRO B 359 -25.12 -2.48 -19.89
C PRO B 359 -26.16 -1.40 -19.61
N TRP B 360 -26.21 -0.41 -20.50
CA TRP B 360 -27.06 0.76 -20.27
C TRP B 360 -28.52 0.38 -20.07
N ASP B 361 -29.03 -0.58 -20.85
CA ASP B 361 -30.44 -0.92 -20.70
C ASP B 361 -30.73 -1.48 -19.30
N GLN B 362 -29.78 -2.22 -18.73
CA GLN B 362 -29.93 -2.70 -17.36
C GLN B 362 -29.73 -1.58 -16.35
N TRP B 363 -28.72 -0.73 -16.58
CA TRP B 363 -28.49 0.39 -15.66
C TRP B 363 -29.69 1.33 -15.63
N ARG B 364 -30.18 1.70 -16.82
CA ARG B 364 -31.28 2.65 -16.92
C ARG B 364 -32.54 2.10 -16.26
N ALA B 365 -32.82 0.80 -16.43
CA ALA B 365 -33.98 0.22 -15.77
C ALA B 365 -33.86 0.33 -14.25
N GLY B 366 -32.65 0.35 -13.73
CA GLY B 366 -32.43 0.59 -12.32
C GLY B 366 -32.79 -0.59 -11.44
N ASN B 367 -32.78 -0.34 -10.13
CA ASN B 367 -33.12 -1.39 -9.16
C ASN B 367 -33.68 -0.75 -7.89
N ALA B 368 -34.54 0.25 -8.07
CA ALA B 368 -35.16 0.94 -6.95
C ALA B 368 -36.22 0.08 -6.26
N LYS B 369 -36.86 -0.83 -7.00
CA LYS B 369 -37.89 -1.69 -6.41
C LYS B 369 -37.29 -3.04 -6.04
#